data_6NPR
#
_entry.id   6NPR
#
_cell.length_a   66.990
_cell.length_b   105.330
_cell.length_c   117.270
_cell.angle_alpha   90.00
_cell.angle_beta   90.00
_cell.angle_gamma   90.00
#
_symmetry.space_group_name_H-M   'P 2 21 21'
#
loop_
_entity.id
_entity.type
_entity.pdbx_description
1 polymer 'H-2 class I histocompatibility antigen, D-D alpha chain'
2 polymer Beta-2-microglobulin
3 polymer ARG-GLY-PRO-GLY-ARG-ALA-PHE-VAL-THR-ILE
4 water water
#
loop_
_entity_poly.entity_id
_entity_poly.type
_entity_poly.pdbx_seq_one_letter_code
_entity_poly.pdbx_strand_id
1 'polypeptide(L)'
;SHSLRYFVTAVSRPGFGEPRYMEVGYVDNTEFVRFDSDAENPRYEPRARWIEQEGPEYWERETRRAKGNEQSFRVDLRTA
LRCYNQSAGGSHTLQWMAGCDVESDGRLLRGYWQFAYDGSDYIALNEDLKTWTAADMCAQITRRKWEQAGAAERDRAYLE
GECVEWLRRYLKNGNATLLRTDPPKAHVTHHRRPEGDVTLRCWALGFYPADITLTWQLNGEELTQEMELVETRPAGDGTF
QKWASVVVPLGKEQKYTCHVEHEGLPEPLTLRWGKE
;
A,C
2 'polypeptide(L)'
;MIQRTPKIQVYSRHPAENGKSNFLNCYVSGFHPSDIEVDLLKNGERIEKVEHSDLSFSKDWSFYLLYYTEFTPTEKDEYA
CRVNHVTLSQPKIVKWDRDM
;
B,D
3 'polypeptide(L)' RGPGRAFVTI P,R
#
# COMPACT_ATOMS: atom_id res chain seq x y z
N SER A 1 -22.33 10.84 12.26
CA SER A 1 -21.07 10.52 12.91
C SER A 1 -20.08 11.68 12.76
N HIS A 2 -19.28 11.96 13.78
CA HIS A 2 -18.37 13.10 13.77
C HIS A 2 -16.96 12.69 14.21
N SER A 3 -15.97 13.49 13.83
CA SER A 3 -14.56 13.19 14.07
C SER A 3 -13.76 14.45 14.37
N LEU A 4 -12.78 14.31 15.26
CA LEU A 4 -11.70 15.27 15.44
C LEU A 4 -10.40 14.56 15.12
N ARG A 5 -9.59 15.12 14.23
CA ARG A 5 -8.41 14.41 13.76
C ARG A 5 -7.25 15.36 13.51
N TYR A 6 -6.07 14.95 13.94
CA TYR A 6 -4.83 15.71 13.73
C TYR A 6 -3.91 14.89 12.85
N PHE A 7 -3.33 15.56 11.85
CA PHE A 7 -2.43 14.94 10.88
C PHE A 7 -1.07 15.60 11.01
N VAL A 8 -0.07 14.83 11.43
CA VAL A 8 1.24 15.36 11.77
C VAL A 8 2.31 14.75 10.86
N THR A 9 3.14 15.60 10.29
CA THR A 9 4.21 15.18 9.39
C THR A 9 5.51 15.81 9.87
N ALA A 10 6.54 15.00 10.08
CA ALA A 10 7.88 15.46 10.37
C ALA A 10 8.82 14.89 9.32
N VAL A 11 9.59 15.77 8.66
CA VAL A 11 10.48 15.39 7.57
C VAL A 11 11.88 15.80 7.94
N SER A 12 12.79 14.83 8.09
CA SER A 12 14.18 15.20 8.28
C SER A 12 14.76 15.74 6.96
N ARG A 13 15.68 16.69 7.05
CA ARG A 13 16.37 17.22 5.88
C ARG A 13 17.83 17.51 6.22
N PRO A 14 18.67 16.47 6.26
CA PRO A 14 20.09 16.69 6.58
C PRO A 14 20.70 17.74 5.67
N GLY A 15 21.63 18.50 6.24
CA GLY A 15 22.35 19.56 5.56
C GLY A 15 21.71 20.93 5.65
N PHE A 16 20.38 20.99 5.58
CA PHE A 16 19.70 22.20 6.01
C PHE A 16 19.37 22.14 7.50
N GLY A 17 19.46 20.97 8.11
CA GLY A 17 19.34 20.84 9.54
C GLY A 17 18.06 20.27 10.11
N GLU A 18 17.23 21.15 10.75
CA GLU A 18 16.22 20.56 11.60
C GLU A 18 14.96 20.22 10.82
N PRO A 19 14.27 19.16 11.24
CA PRO A 19 13.11 18.67 10.48
C PRO A 19 12.01 19.70 10.31
N ARG A 20 11.38 19.64 9.15
CA ARG A 20 10.14 20.34 8.91
C ARG A 20 9.05 19.65 9.70
N TYR A 21 8.31 20.41 10.48
CA TYR A 21 7.28 19.84 11.34
C TYR A 21 5.97 20.53 11.06
N MET A 22 4.92 19.75 10.81
CA MET A 22 3.57 20.31 10.51
C MET A 22 2.52 19.64 11.42
N GLU A 23 1.33 20.24 11.49
CA GLU A 23 0.21 19.71 12.31
C GLU A 23 -1.11 20.32 11.81
N VAL A 24 -1.95 19.50 11.16
CA VAL A 24 -3.25 20.00 10.61
C VAL A 24 -4.41 19.29 11.33
N GLY A 25 -5.31 20.07 11.92
CA GLY A 25 -6.48 19.54 12.61
C GLY A 25 -7.71 19.65 11.73
N TYR A 26 -8.53 18.60 11.75
CA TYR A 26 -9.80 18.58 11.02
C TYR A 26 -10.94 18.26 11.99
N VAL A 27 -12.08 18.88 11.77
CA VAL A 27 -13.34 18.43 12.35
C VAL A 27 -14.25 18.03 11.20
N ASP A 28 -14.67 16.77 11.20
CA ASP A 28 -15.55 16.23 10.15
C ASP A 28 -15.02 16.57 8.76
N ASN A 29 -13.72 16.30 8.57
CA ASN A 29 -13.05 16.54 7.29
C ASN A 29 -12.99 18.03 6.93
N THR A 30 -12.98 18.90 7.94
CA THR A 30 -12.92 20.34 7.73
C THR A 30 -11.75 20.88 8.54
N GLU A 31 -10.76 21.45 7.84
CA GLU A 31 -9.59 21.98 8.51
C GLU A 31 -9.94 23.16 9.39
N PHE A 32 -9.34 23.19 10.58
CA PHE A 32 -9.60 24.29 11.48
C PHE A 32 -8.38 24.82 12.21
N VAL A 33 -7.22 24.16 12.16
CA VAL A 33 -5.99 24.68 12.75
C VAL A 33 -4.80 24.15 11.99
N ARG A 34 -3.66 24.81 12.17
CA ARG A 34 -2.42 24.35 11.55
C ARG A 34 -1.23 24.85 12.36
N PHE A 35 -0.11 24.12 12.23
CA PHE A 35 1.18 24.51 12.78
C PHE A 35 2.22 24.18 11.74
N ASP A 36 3.18 25.09 11.54
CA ASP A 36 4.22 24.90 10.54
C ASP A 36 5.54 25.43 11.09
N SER A 37 6.50 24.54 11.31
CA SER A 37 7.78 24.94 11.86
C SER A 37 8.53 25.91 10.96
N ASP A 38 8.17 25.98 9.68
CA ASP A 38 8.86 26.88 8.77
C ASP A 38 8.27 28.29 8.76
N ALA A 39 7.21 28.54 9.52
CA ALA A 39 6.79 29.91 9.71
C ALA A 39 7.90 30.69 10.39
N GLU A 40 7.84 32.01 10.25
CA GLU A 40 8.84 32.88 10.86
C GLU A 40 8.70 32.89 12.38
N ASN A 41 7.46 32.89 12.86
CA ASN A 41 7.15 32.70 14.27
C ASN A 41 6.14 31.56 14.31
N PRO A 42 6.60 30.32 14.31
CA PRO A 42 5.68 29.18 14.25
C PRO A 42 4.81 29.09 15.50
N ARG A 43 3.52 28.88 15.28
CA ARG A 43 2.52 28.84 16.34
C ARG A 43 1.26 28.25 15.75
N TYR A 44 0.41 27.72 16.63
CA TYR A 44 -0.90 27.23 16.21
C TYR A 44 -1.74 28.35 15.64
N GLU A 45 -2.37 28.10 14.50
CA GLU A 45 -3.14 29.17 13.91
C GLU A 45 -4.52 28.68 13.50
N PRO A 46 -5.54 29.54 13.61
CA PRO A 46 -6.88 29.17 13.12
C PRO A 46 -6.92 29.07 11.61
N ARG A 47 -7.69 28.09 11.12
CA ARG A 47 -7.92 27.92 9.70
C ARG A 47 -9.41 27.79 9.42
N ALA A 48 -10.25 28.12 10.40
CA ALA A 48 -11.70 28.23 10.28
C ALA A 48 -12.11 29.37 11.18
N ARG A 49 -13.20 30.04 10.83
CA ARG A 49 -13.62 31.18 11.63
C ARG A 49 -14.01 30.75 13.03
N TRP A 50 -14.67 29.59 13.16
CA TRP A 50 -15.36 29.26 14.40
C TRP A 50 -14.38 28.96 15.53
N ILE A 51 -13.16 28.51 15.21
CA ILE A 51 -12.20 28.20 16.27
C ILE A 51 -11.59 29.46 16.87
N GLU A 52 -11.81 30.62 16.26
CA GLU A 52 -11.22 31.87 16.74
C GLU A 52 -11.84 32.39 18.05
N GLN A 53 -12.96 31.84 18.51
CA GLN A 53 -13.47 32.24 19.82
C GLN A 53 -12.60 31.72 20.96
N GLU A 54 -11.80 30.68 20.72
CA GLU A 54 -10.94 30.12 21.77
C GLU A 54 -10.04 31.19 22.35
N GLY A 55 -9.92 31.19 23.68
CA GLY A 55 -9.09 32.15 24.38
C GLY A 55 -7.61 31.95 24.09
N PRO A 56 -6.78 32.92 24.46
CA PRO A 56 -5.34 32.81 24.18
C PRO A 56 -4.64 31.68 24.94
N GLU A 57 -5.21 31.19 26.06
CA GLU A 57 -4.62 30.02 26.72
C GLU A 57 -4.67 28.81 25.80
N TYR A 58 -5.74 28.69 25.01
CA TYR A 58 -5.85 27.62 24.04
C TYR A 58 -4.74 27.72 23.00
N TRP A 59 -4.52 28.92 22.47
CA TRP A 59 -3.53 29.08 21.41
C TRP A 59 -2.11 28.95 21.97
N GLU A 60 -1.87 29.46 23.18
CA GLU A 60 -0.55 29.31 23.76
C GLU A 60 -0.24 27.84 24.06
N ARG A 61 -1.22 27.10 24.60
CA ARG A 61 -0.98 25.70 24.97
C ARG A 61 -0.81 24.82 23.74
N GLU A 62 -1.57 25.09 22.67
CA GLU A 62 -1.43 24.29 21.46
C GLU A 62 -0.09 24.57 20.79
N THR A 63 0.31 25.84 20.74
CA THR A 63 1.62 26.18 20.22
C THR A 63 2.70 25.41 20.96
N ARG A 64 2.64 25.42 22.29
CA ARG A 64 3.65 24.72 23.08
C ARG A 64 3.58 23.21 22.86
N ARG A 65 2.38 22.66 22.75
CA ARG A 65 2.26 21.22 22.49
C ARG A 65 2.86 20.84 21.15
N ALA A 66 2.61 21.65 20.10
CA ALA A 66 3.18 21.38 18.79
C ALA A 66 4.70 21.41 18.87
N LYS A 67 5.24 22.45 19.51
CA LYS A 67 6.69 22.56 19.61
C LYS A 67 7.27 21.41 20.42
N GLY A 68 6.57 21.00 21.49
CA GLY A 68 7.01 19.81 22.23
C GLY A 68 6.98 18.57 21.36
N ASN A 69 5.87 18.38 20.63
CA ASN A 69 5.78 17.26 19.71
C ASN A 69 6.93 17.29 18.71
N GLU A 70 7.28 18.49 18.23
CA GLU A 70 8.36 18.61 17.27
C GLU A 70 9.65 18.05 17.84
N GLN A 71 9.90 18.33 19.12
CA GLN A 71 11.08 17.79 19.80
C GLN A 71 11.08 16.27 19.80
N SER A 72 9.94 15.67 20.18
CA SER A 72 9.89 14.21 20.20
C SER A 72 10.11 13.66 18.81
N PHE A 73 9.54 14.30 17.80
CA PHE A 73 9.69 13.78 16.45
C PHE A 73 11.12 13.92 15.95
N ARG A 74 11.87 14.93 16.41
CA ARG A 74 13.27 15.02 16.02
C ARG A 74 14.03 13.82 16.55
N VAL A 75 13.80 13.50 17.83
CA VAL A 75 14.42 12.31 18.41
C VAL A 75 13.98 11.05 17.68
N ASP A 76 12.68 10.91 17.41
CA ASP A 76 12.20 9.69 16.76
C ASP A 76 12.84 9.48 15.39
N LEU A 77 13.07 10.56 14.65
CA LEU A 77 13.69 10.41 13.33
C LEU A 77 15.11 9.87 13.45
N ARG A 78 15.87 10.31 14.46
CA ARG A 78 17.20 9.74 14.70
C ARG A 78 17.11 8.28 15.15
N THR A 79 16.20 7.96 16.07
CA THR A 79 15.99 6.58 16.52
C THR A 79 15.65 5.67 15.34
N ALA A 80 14.76 6.12 14.46
CA ALA A 80 14.37 5.29 13.32
C ALA A 80 15.53 5.04 12.37
N LEU A 81 16.30 6.08 12.06
CA LEU A 81 17.40 5.93 11.12
C LEU A 81 18.39 4.90 11.62
N ARG A 82 18.62 4.88 12.93
CA ARG A 82 19.54 3.91 13.51
C ARG A 82 18.97 2.50 13.46
N CYS A 83 17.70 2.36 13.83
CA CYS A 83 17.12 1.03 13.91
C CYS A 83 16.99 0.40 12.53
N TYR A 84 16.68 1.20 11.52
CA TYR A 84 16.68 0.66 10.17
C TYR A 84 18.06 0.73 9.53
N ASN A 85 19.06 1.25 10.24
CA ASN A 85 20.41 1.37 9.71
C ASN A 85 20.40 2.04 8.34
N GLN A 86 19.84 3.23 8.28
CA GLN A 86 19.77 3.95 7.02
C GLN A 86 20.94 4.92 6.91
N SER A 87 21.25 5.29 5.67
CA SER A 87 22.34 6.21 5.39
C SER A 87 22.09 7.58 6.02
N ALA A 88 23.17 8.25 6.41
CA ALA A 88 23.07 9.43 7.28
C ALA A 88 22.61 10.69 6.56
N GLY A 89 22.88 10.84 5.27
CA GLY A 89 22.55 12.09 4.62
C GLY A 89 21.18 12.23 4.00
N GLY A 90 20.26 11.29 4.24
CA GLY A 90 18.98 11.26 3.56
C GLY A 90 17.82 11.83 4.37
N SER A 91 16.80 12.27 3.65
CA SER A 91 15.57 12.79 4.23
C SER A 91 14.56 11.67 4.51
N HIS A 92 13.93 11.72 5.69
CA HIS A 92 13.00 10.67 6.09
C HIS A 92 11.76 11.29 6.73
N THR A 93 10.69 10.50 6.78
CA THR A 93 9.36 11.01 7.14
C THR A 93 8.76 10.18 8.25
N LEU A 94 8.34 10.86 9.30
CA LEU A 94 7.53 10.25 10.33
C LEU A 94 6.18 10.94 10.31
N GLN A 95 5.12 10.16 10.13
CA GLN A 95 3.76 10.68 10.14
C GLN A 95 2.99 10.08 11.29
N TRP A 96 1.99 10.84 11.74
CA TRP A 96 1.19 10.52 12.91
C TRP A 96 -0.22 11.02 12.65
N MET A 97 -1.19 10.17 12.95
CA MET A 97 -2.60 10.54 12.89
C MET A 97 -3.20 10.11 14.21
N ALA A 98 -3.96 11.00 14.83
CA ALA A 98 -4.62 10.72 16.09
C ALA A 98 -5.96 11.43 16.07
N GLY A 99 -6.93 10.86 16.77
CA GLY A 99 -8.23 11.50 16.84
C GLY A 99 -9.29 10.53 17.28
N CYS A 100 -10.52 11.03 17.27
CA CYS A 100 -11.66 10.32 17.83
C CYS A 100 -12.85 10.46 16.90
N ASP A 101 -13.60 9.38 16.74
CA ASP A 101 -14.88 9.41 16.06
C ASP A 101 -15.98 9.19 17.09
N VAL A 102 -16.97 10.08 17.10
CA VAL A 102 -18.02 10.03 18.10
C VAL A 102 -19.38 10.14 17.44
N GLU A 103 -20.35 9.44 18.01
CA GLU A 103 -21.72 9.61 17.59
C GLU A 103 -22.27 10.92 18.14
N SER A 104 -23.50 11.24 17.78
CA SER A 104 -24.13 12.45 18.31
C SER A 104 -24.29 12.36 19.82
N ASP A 105 -24.65 11.19 20.34
CA ASP A 105 -24.81 10.98 21.78
C ASP A 105 -23.50 11.17 22.54
N GLY A 106 -22.41 11.48 21.84
CA GLY A 106 -21.10 11.60 22.47
C GLY A 106 -20.38 10.30 22.76
N ARG A 107 -20.93 9.15 22.39
CA ARG A 107 -20.20 7.90 22.58
C ARG A 107 -18.99 7.87 21.65
N LEU A 108 -17.85 7.42 22.19
CA LEU A 108 -16.68 7.21 21.36
C LEU A 108 -16.97 6.05 20.43
N LEU A 109 -16.79 6.26 19.13
CA LEU A 109 -16.93 5.22 18.11
C LEU A 109 -15.61 4.54 17.78
N ARG A 110 -14.55 5.33 17.62
CA ARG A 110 -13.24 4.78 17.34
C ARG A 110 -12.25 5.86 17.69
N GLY A 111 -11.20 5.48 18.39
CA GLY A 111 -10.07 6.35 18.63
C GLY A 111 -8.91 5.84 17.79
N TYR A 112 -8.11 6.76 17.28
CA TYR A 112 -6.95 6.45 16.47
C TYR A 112 -5.71 7.06 17.09
N TRP A 113 -4.58 6.38 16.91
CA TRP A 113 -3.28 6.89 17.33
C TRP A 113 -2.25 6.03 16.61
N GLN A 114 -1.84 6.43 15.41
CA GLN A 114 -1.04 5.58 14.56
C GLN A 114 0.04 6.37 13.84
N PHE A 115 1.12 5.67 13.49
CA PHE A 115 2.30 6.30 12.90
C PHE A 115 2.73 5.54 11.65
N ALA A 116 3.40 6.29 10.76
CA ALA A 116 4.04 5.71 9.60
C ALA A 116 5.46 6.24 9.47
N TYR A 117 6.36 5.38 9.03
CA TYR A 117 7.74 5.77 8.75
C TYR A 117 8.02 5.51 7.29
N ASP A 118 8.58 6.53 6.63
CA ASP A 118 8.76 6.59 5.19
C ASP A 118 7.63 5.95 4.41
N GLY A 119 6.40 6.33 4.76
CA GLY A 119 5.22 6.03 3.96
C GLY A 119 4.48 4.75 4.28
N SER A 120 4.99 3.92 5.20
CA SER A 120 4.37 2.63 5.53
C SER A 120 4.01 2.62 7.00
N ASP A 121 2.96 1.86 7.31
CA ASP A 121 2.55 1.66 8.70
C ASP A 121 3.74 1.32 9.59
N TYR A 122 3.86 2.01 10.71
CA TYR A 122 4.89 1.68 11.69
C TYR A 122 4.25 1.05 12.93
N ILE A 123 3.45 1.80 13.67
CA ILE A 123 2.73 1.27 14.82
C ILE A 123 1.38 1.96 14.85
N ALA A 124 0.37 1.24 15.33
CA ALA A 124 -1.00 1.73 15.33
C ALA A 124 -1.69 1.27 16.58
N LEU A 125 -2.39 2.18 17.26
CA LEU A 125 -3.23 1.77 18.37
C LEU A 125 -4.45 1.01 17.84
N ASN A 126 -4.67 -0.19 18.38
CA ASN A 126 -5.81 -0.97 17.95
C ASN A 126 -7.10 -0.34 18.47
N GLU A 127 -8.22 -0.88 17.98
CA GLU A 127 -9.50 -0.28 18.31
C GLU A 127 -9.86 -0.48 19.78
N ASP A 128 -9.37 -1.56 20.40
CA ASP A 128 -9.59 -1.68 21.84
C ASP A 128 -8.85 -0.60 22.64
N LEU A 129 -7.96 0.17 21.99
CA LEU A 129 -7.18 1.23 22.63
C LEU A 129 -6.38 0.71 23.82
N LYS A 130 -6.00 -0.57 23.78
CA LYS A 130 -5.10 -1.15 24.76
C LYS A 130 -3.89 -1.82 24.13
N THR A 131 -3.95 -2.22 22.86
CA THR A 131 -2.88 -2.99 22.23
C THR A 131 -2.47 -2.33 20.93
N TRP A 132 -1.26 -2.66 20.48
CA TRP A 132 -0.64 -2.01 19.33
C TRP A 132 -0.38 -3.04 18.24
N THR A 133 -0.67 -2.66 17.00
CA THR A 133 -0.20 -3.40 15.84
C THR A 133 1.14 -2.80 15.44
N ALA A 134 2.19 -3.61 15.51
CA ALA A 134 3.56 -3.20 15.23
C ALA A 134 4.01 -3.92 13.97
N ALA A 135 4.39 -3.16 12.96
CA ALA A 135 4.55 -3.72 11.63
C ALA A 135 5.82 -4.56 11.50
N ASP A 136 6.92 -4.17 12.15
CA ASP A 136 8.20 -4.86 11.96
C ASP A 136 8.97 -4.83 13.28
N MET A 137 10.26 -5.20 13.23
CA MET A 137 10.99 -5.39 14.49
C MET A 137 11.26 -4.07 15.18
N CYS A 138 11.59 -3.02 14.43
CA CYS A 138 11.80 -1.71 15.02
C CYS A 138 10.54 -1.24 15.73
N ALA A 139 9.39 -1.43 15.10
CA ALA A 139 8.15 -1.03 15.75
C ALA A 139 7.77 -1.97 16.88
N GLN A 140 8.16 -3.24 16.79
CA GLN A 140 7.96 -4.14 17.92
C GLN A 140 8.81 -3.70 19.10
N ILE A 141 10.02 -3.21 18.83
CA ILE A 141 10.87 -2.66 19.88
C ILE A 141 10.22 -1.43 20.51
N THR A 142 9.70 -0.53 19.67
CA THR A 142 8.92 0.61 20.16
C THR A 142 7.74 0.15 21.01
N ARG A 143 7.04 -0.91 20.59
CA ARG A 143 5.86 -1.36 21.32
C ARG A 143 6.23 -1.89 22.70
N ARG A 144 7.29 -2.69 22.81
CA ARG A 144 7.70 -3.16 24.13
C ARG A 144 7.97 -1.98 25.04
N LYS A 145 8.65 -0.94 24.52
CA LYS A 145 8.95 0.22 25.34
C LYS A 145 7.67 0.95 25.73
N TRP A 146 6.72 1.06 24.80
CA TRP A 146 5.45 1.73 25.12
C TRP A 146 4.57 0.88 26.04
N GLU A 147 4.65 -0.44 25.93
CA GLU A 147 3.90 -1.28 26.85
C GLU A 147 4.39 -1.09 28.27
N GLN A 148 5.71 -1.16 28.48
CA GLN A 148 6.20 -1.00 29.84
C GLN A 148 6.14 0.44 30.34
N ALA A 149 5.87 1.41 29.45
CA ALA A 149 5.65 2.80 29.85
C ALA A 149 4.17 3.12 30.08
N GLY A 150 3.27 2.18 29.79
CA GLY A 150 1.85 2.43 29.94
C GLY A 150 1.28 3.41 28.94
N ALA A 151 1.88 3.50 27.76
CA ALA A 151 1.46 4.51 26.81
C ALA A 151 0.00 4.33 26.39
N ALA A 152 -0.39 3.08 26.10
CA ALA A 152 -1.74 2.84 25.58
C ALA A 152 -2.79 3.32 26.57
N GLU A 153 -2.61 2.99 27.85
CA GLU A 153 -3.52 3.50 28.87
C GLU A 153 -3.67 5.00 28.73
N ARG A 154 -2.54 5.69 28.62
CA ARG A 154 -2.55 7.13 28.70
C ARG A 154 -2.94 7.80 27.38
N ASP A 155 -2.64 7.18 26.24
CA ASP A 155 -3.20 7.67 24.98
C ASP A 155 -4.71 7.46 24.92
N ARG A 156 -5.18 6.31 25.43
CA ARG A 156 -6.61 6.03 25.53
C ARG A 156 -7.31 7.03 26.44
N ALA A 157 -6.65 7.52 27.48
CA ALA A 157 -7.25 8.57 28.29
C ALA A 157 -7.52 9.80 27.44
N TYR A 158 -6.57 10.20 26.60
CA TYR A 158 -6.81 11.32 25.71
C TYR A 158 -7.99 11.04 24.79
N LEU A 159 -7.97 9.89 24.11
CA LEU A 159 -8.99 9.58 23.10
C LEU A 159 -10.39 9.48 23.69
N GLU A 160 -10.53 8.99 24.91
CA GLU A 160 -11.83 8.84 25.52
C GLU A 160 -12.29 10.07 26.26
N GLY A 161 -11.36 10.89 26.76
CA GLY A 161 -11.62 12.05 27.57
C GLY A 161 -11.48 13.31 26.76
N GLU A 162 -10.27 13.89 26.74
CA GLU A 162 -10.05 15.23 26.17
C GLU A 162 -10.46 15.30 24.70
N CYS A 163 -10.28 14.21 23.93
CA CYS A 163 -10.61 14.28 22.51
C CYS A 163 -12.12 14.37 22.30
N VAL A 164 -12.89 13.56 23.01
CA VAL A 164 -14.34 13.62 22.88
C VAL A 164 -14.85 14.96 23.40
N GLU A 165 -14.35 15.39 24.56
CA GLU A 165 -14.80 16.65 25.16
C GLU A 165 -14.58 17.81 24.20
N TRP A 166 -13.41 17.87 23.56
CA TRP A 166 -13.14 19.01 22.69
C TRP A 166 -13.93 18.91 21.40
N LEU A 167 -14.09 17.70 20.86
CA LEU A 167 -14.98 17.52 19.72
C LEU A 167 -16.38 18.05 20.03
N ARG A 168 -16.94 17.64 21.16
CA ARG A 168 -18.29 18.08 21.52
C ARG A 168 -18.36 19.59 21.63
N ARG A 169 -17.29 20.23 22.15
CA ARG A 169 -17.25 21.68 22.23
C ARG A 169 -17.17 22.30 20.83
N TYR A 170 -16.40 21.69 19.93
CA TYR A 170 -16.23 22.24 18.59
C TYR A 170 -17.53 22.17 17.78
N LEU A 171 -18.33 21.12 17.98
CA LEU A 171 -19.56 20.98 17.21
C LEU A 171 -20.60 22.01 17.65
N LYS A 172 -20.57 22.42 18.91
CA LYS A 172 -21.41 23.54 19.33
C LYS A 172 -20.92 24.85 18.71
N ASN A 173 -19.62 25.13 18.82
CA ASN A 173 -19.06 26.40 18.33
C ASN A 173 -19.07 26.51 16.81
N GLY A 174 -18.91 25.40 16.09
CA GLY A 174 -18.83 25.44 14.63
C GLY A 174 -20.01 24.82 13.91
N ASN A 175 -21.18 24.88 14.55
CA ASN A 175 -22.33 24.11 14.07
C ASN A 175 -22.76 24.53 12.67
N ALA A 176 -22.90 25.84 12.44
CA ALA A 176 -23.37 26.36 11.15
C ALA A 176 -22.42 26.03 9.99
N THR A 177 -21.14 25.81 10.28
CA THR A 177 -20.19 25.54 9.21
C THR A 177 -20.09 24.03 8.96
N LEU A 178 -19.94 23.25 10.02
CA LEU A 178 -19.65 21.82 9.87
C LEU A 178 -20.87 21.04 9.38
N LEU A 179 -22.05 21.32 9.93
CA LEU A 179 -23.27 20.63 9.53
C LEU A 179 -23.91 21.22 8.28
N ARG A 180 -23.27 22.20 7.62
CA ARG A 180 -23.81 22.72 6.38
C ARG A 180 -23.74 21.66 5.29
N THR A 181 -24.73 21.72 4.40
CA THR A 181 -24.76 20.93 3.19
C THR A 181 -24.85 21.90 2.02
N ASP A 182 -24.10 21.58 0.98
CA ASP A 182 -24.10 22.39 -0.22
C ASP A 182 -24.48 21.42 -1.33
N PRO A 183 -25.61 21.59 -2.01
CA PRO A 183 -26.02 20.57 -3.00
C PRO A 183 -25.22 20.68 -4.28
N PRO A 184 -25.01 19.58 -5.00
CA PRO A 184 -24.31 19.69 -6.28
C PRO A 184 -25.17 20.44 -7.29
N LYS A 185 -24.52 21.26 -8.10
CA LYS A 185 -25.09 21.81 -9.32
C LYS A 185 -24.51 20.98 -10.47
N ALA A 186 -25.39 20.47 -11.34
CA ALA A 186 -24.97 19.47 -12.31
C ALA A 186 -25.25 19.90 -13.74
N HIS A 187 -24.40 19.45 -14.66
CA HIS A 187 -24.66 19.57 -16.08
C HIS A 187 -23.95 18.45 -16.83
N VAL A 188 -24.42 18.20 -18.05
CA VAL A 188 -23.86 17.16 -18.92
C VAL A 188 -23.23 17.83 -20.15
N THR A 189 -21.99 17.47 -20.43
CA THR A 189 -21.30 17.87 -21.65
C THR A 189 -21.16 16.68 -22.62
N HIS A 190 -20.71 17.01 -23.83
CA HIS A 190 -20.72 16.09 -24.97
C HIS A 190 -19.52 16.40 -25.86
N HIS A 191 -18.80 15.37 -26.29
CA HIS A 191 -17.70 15.61 -27.22
C HIS A 191 -17.48 14.40 -28.11
N ARG A 192 -17.40 14.65 -29.40
CA ARG A 192 -17.21 13.56 -30.36
C ARG A 192 -15.82 12.95 -30.21
N ARG A 193 -15.76 11.62 -30.13
CA ARG A 193 -14.43 11.04 -30.04
C ARG A 193 -13.89 10.76 -31.43
N PRO A 194 -12.56 10.77 -31.60
CA PRO A 194 -12.00 10.38 -32.90
C PRO A 194 -12.43 8.99 -33.35
N GLU A 195 -12.76 8.09 -32.42
CA GLU A 195 -13.26 6.77 -32.76
C GLU A 195 -14.61 6.78 -33.45
N GLY A 196 -15.34 7.89 -33.44
CA GLY A 196 -16.63 7.97 -34.09
C GLY A 196 -17.85 7.86 -33.17
N ASP A 197 -17.63 7.64 -31.87
CA ASP A 197 -18.68 7.63 -30.85
C ASP A 197 -18.64 8.95 -30.07
N VAL A 198 -19.23 8.98 -28.89
CA VAL A 198 -19.45 10.21 -28.15
C VAL A 198 -19.14 9.99 -26.66
N THR A 199 -18.48 10.96 -26.04
CA THR A 199 -18.32 10.99 -24.60
C THR A 199 -19.38 11.89 -23.98
N LEU A 200 -20.18 11.33 -23.08
CA LEU A 200 -21.08 12.12 -22.23
C LEU A 200 -20.44 12.24 -20.85
N ARG A 201 -20.28 13.46 -20.37
CA ARG A 201 -19.62 13.72 -19.10
C ARG A 201 -20.60 14.42 -18.18
N CYS A 202 -20.84 13.83 -17.03
CA CYS A 202 -21.78 14.36 -16.04
C CYS A 202 -20.97 15.04 -14.95
N TRP A 203 -21.15 16.37 -14.80
CA TRP A 203 -20.43 17.16 -13.82
C TRP A 203 -21.26 17.37 -12.56
N ALA A 204 -20.61 17.34 -11.40
CA ALA A 204 -21.19 17.80 -10.14
C ALA A 204 -20.24 18.81 -9.53
N LEU A 205 -20.73 20.02 -9.29
CA LEU A 205 -19.93 21.14 -8.87
C LEU A 205 -20.55 21.81 -7.65
N GLY A 206 -19.69 22.39 -6.82
CA GLY A 206 -20.16 23.22 -5.72
C GLY A 206 -20.79 22.48 -4.56
N PHE A 207 -20.47 21.20 -4.35
CA PHE A 207 -21.14 20.45 -3.29
C PHE A 207 -20.23 20.26 -2.08
N TYR A 208 -20.87 20.09 -0.92
CA TYR A 208 -20.21 19.81 0.33
C TYR A 208 -21.27 19.10 1.16
N PRO A 209 -20.91 18.05 1.91
CA PRO A 209 -19.56 17.49 2.01
C PRO A 209 -19.14 16.72 0.75
N ALA A 210 -17.98 16.07 0.83
CA ALA A 210 -17.37 15.49 -0.35
C ALA A 210 -18.02 14.19 -0.78
N ASP A 211 -18.74 13.51 0.10
CA ASP A 211 -19.35 12.24 -0.25
C ASP A 211 -20.43 12.48 -1.31
N ILE A 212 -20.32 11.76 -2.43
CA ILE A 212 -21.31 11.89 -3.49
C ILE A 212 -21.33 10.59 -4.30
N THR A 213 -22.45 10.30 -4.93
CA THR A 213 -22.56 9.17 -5.85
C THR A 213 -23.06 9.64 -7.21
N LEU A 214 -22.24 9.45 -8.24
CA LEU A 214 -22.59 9.75 -9.62
C LEU A 214 -22.70 8.43 -10.36
N THR A 215 -23.81 8.22 -11.06
CA THR A 215 -23.96 7.03 -11.89
C THR A 215 -24.64 7.41 -13.19
N TRP A 216 -24.24 6.73 -14.25
CA TRP A 216 -24.88 6.79 -15.55
C TRP A 216 -25.83 5.60 -15.69
N GLN A 217 -26.95 5.85 -16.31
CA GLN A 217 -27.92 4.80 -16.56
C GLN A 217 -28.33 4.80 -18.02
N LEU A 218 -28.63 3.63 -18.54
CA LEU A 218 -29.09 3.49 -19.91
C LEU A 218 -30.44 2.81 -19.78
N ASN A 219 -31.50 3.57 -20.02
CA ASN A 219 -32.87 3.08 -19.80
C ASN A 219 -32.97 2.44 -18.41
N GLY A 220 -32.56 3.21 -17.40
CA GLY A 220 -32.73 2.82 -16.01
C GLY A 220 -31.79 1.78 -15.44
N GLU A 221 -30.81 1.28 -16.19
CA GLU A 221 -29.87 0.30 -15.65
C GLU A 221 -28.49 0.92 -15.50
N GLU A 222 -27.87 0.66 -14.35
CA GLU A 222 -26.64 1.35 -13.95
C GLU A 222 -25.47 0.91 -14.83
N LEU A 223 -24.65 1.87 -15.25
CA LEU A 223 -23.48 1.62 -16.08
C LEU A 223 -22.16 1.78 -15.33
N THR A 224 -22.16 1.48 -14.03
CA THR A 224 -20.95 1.51 -13.22
C THR A 224 -19.80 0.76 -13.89
N GLN A 225 -20.10 -0.40 -14.46
CA GLN A 225 -19.06 -1.20 -15.07
C GLN A 225 -18.57 -0.65 -16.42
N GLU A 226 -19.10 0.47 -16.91
CA GLU A 226 -18.59 1.02 -18.16
C GLU A 226 -18.25 2.51 -18.04
N MET A 227 -18.13 3.05 -16.85
CA MET A 227 -17.94 4.48 -16.76
C MET A 227 -16.55 4.83 -16.26
N GLU A 228 -16.15 6.05 -16.58
CA GLU A 228 -14.96 6.69 -16.06
C GLU A 228 -15.39 7.65 -14.97
N LEU A 229 -14.53 7.81 -13.97
CA LEU A 229 -14.88 8.53 -12.76
C LEU A 229 -13.61 9.13 -12.18
N VAL A 230 -13.51 10.46 -12.11
CA VAL A 230 -12.34 11.08 -11.51
C VAL A 230 -12.45 11.02 -9.99
N GLU A 231 -11.28 11.07 -9.35
CA GLU A 231 -11.21 11.36 -7.92
C GLU A 231 -11.94 12.68 -7.62
N THR A 232 -12.80 12.65 -6.59
CA THR A 232 -13.40 13.88 -6.09
C THR A 232 -12.31 14.86 -5.70
N ARG A 233 -12.48 16.11 -6.08
CA ARG A 233 -11.37 17.04 -5.92
C ARG A 233 -11.86 18.37 -5.35
N PRO A 234 -11.04 19.05 -4.55
CA PRO A 234 -11.46 20.34 -3.98
C PRO A 234 -11.49 21.43 -5.04
N ALA A 235 -12.55 22.23 -4.99
CA ALA A 235 -12.67 23.40 -5.84
C ALA A 235 -11.85 24.59 -5.35
N GLY A 236 -11.49 24.61 -4.06
CA GLY A 236 -10.70 25.67 -3.48
C GLY A 236 -11.50 26.68 -2.69
N ASP A 237 -12.82 26.71 -2.86
CA ASP A 237 -13.71 27.60 -2.11
C ASP A 237 -14.46 26.87 -0.99
N GLY A 238 -14.02 25.66 -0.63
CA GLY A 238 -14.69 24.84 0.35
C GLY A 238 -15.64 23.79 -0.20
N THR A 239 -16.00 23.85 -1.49
CA THR A 239 -16.80 22.81 -2.12
C THR A 239 -15.93 21.81 -2.86
N PHE A 240 -16.57 20.82 -3.47
CA PHE A 240 -15.90 19.77 -4.21
C PHE A 240 -16.51 19.59 -5.59
N GLN A 241 -15.73 18.99 -6.48
CA GLN A 241 -16.27 18.64 -7.78
C GLN A 241 -15.91 17.20 -8.10
N LYS A 242 -16.71 16.63 -9.01
CA LYS A 242 -16.49 15.29 -9.53
C LYS A 242 -17.19 15.21 -10.86
N TRP A 243 -16.72 14.30 -11.71
CA TRP A 243 -17.46 14.01 -12.92
C TRP A 243 -17.38 12.53 -13.22
N ALA A 244 -18.32 12.07 -14.03
CA ALA A 244 -18.35 10.69 -14.50
C ALA A 244 -18.78 10.70 -15.96
N SER A 245 -18.18 9.82 -16.75
CA SER A 245 -18.43 9.85 -18.17
C SER A 245 -18.66 8.44 -18.70
N VAL A 246 -19.36 8.38 -19.83
CA VAL A 246 -19.54 7.14 -20.57
C VAL A 246 -19.33 7.46 -22.06
N VAL A 247 -18.97 6.42 -22.79
CA VAL A 247 -18.79 6.45 -24.24
C VAL A 247 -20.02 5.82 -24.87
N VAL A 248 -20.70 6.57 -25.74
CA VAL A 248 -22.00 6.13 -26.25
C VAL A 248 -22.03 6.24 -27.76
N PRO A 249 -22.88 5.45 -28.41
CA PRO A 249 -23.05 5.60 -29.86
C PRO A 249 -23.66 6.96 -30.19
N LEU A 250 -23.05 7.64 -31.15
CA LEU A 250 -23.65 8.80 -31.80
C LEU A 250 -25.08 8.50 -32.23
N GLY A 251 -26.03 9.32 -31.78
CA GLY A 251 -27.43 9.11 -32.09
C GLY A 251 -28.23 8.46 -30.98
N LYS A 252 -27.58 7.90 -29.95
CA LYS A 252 -28.29 7.31 -28.82
C LYS A 252 -28.11 8.09 -27.53
N GLU A 253 -27.61 9.34 -27.60
CA GLU A 253 -27.30 10.09 -26.39
C GLU A 253 -28.51 10.33 -25.51
N GLN A 254 -29.69 10.53 -26.10
CA GLN A 254 -30.87 10.84 -25.32
C GLN A 254 -31.36 9.66 -24.47
N LYS A 255 -30.87 8.46 -24.72
CA LYS A 255 -31.23 7.31 -23.90
C LYS A 255 -30.50 7.26 -22.56
N TYR A 256 -29.46 8.07 -22.38
CA TYR A 256 -28.55 7.99 -21.23
C TYR A 256 -28.86 9.09 -20.23
N THR A 257 -28.93 8.73 -18.95
CA THR A 257 -29.28 9.67 -17.89
C THR A 257 -28.22 9.66 -16.80
N CYS A 258 -27.85 10.84 -16.35
CA CYS A 258 -26.96 10.96 -15.21
C CYS A 258 -27.74 11.01 -13.90
N HIS A 259 -27.24 10.34 -12.88
CA HIS A 259 -27.88 10.32 -11.57
C HIS A 259 -26.94 10.89 -10.53
N VAL A 260 -27.40 11.89 -9.79
CA VAL A 260 -26.59 12.53 -8.77
C VAL A 260 -27.29 12.37 -7.44
N GLU A 261 -26.63 11.69 -6.50
CA GLU A 261 -27.11 11.55 -5.14
C GLU A 261 -26.15 12.26 -4.20
N HIS A 262 -26.68 13.12 -3.35
CA HIS A 262 -25.90 13.89 -2.39
C HIS A 262 -26.80 14.22 -1.21
N GLU A 263 -26.19 14.29 -0.02
CA GLU A 263 -26.93 14.52 1.19
C GLU A 263 -27.66 15.87 1.14
N GLY A 264 -27.14 16.84 0.42
CA GLY A 264 -27.81 18.11 0.27
C GLY A 264 -28.98 18.13 -0.68
N LEU A 265 -29.27 17.03 -1.35
CA LEU A 265 -30.40 17.02 -2.27
C LEU A 265 -31.62 16.41 -1.62
N PRO A 266 -32.81 16.97 -1.83
CA PRO A 266 -34.01 16.34 -1.29
C PRO A 266 -34.47 15.16 -2.11
N GLU A 267 -34.09 15.09 -3.38
CA GLU A 267 -34.40 13.98 -4.27
C GLU A 267 -33.22 13.91 -5.23
N PRO A 268 -32.73 12.72 -5.59
CA PRO A 268 -31.57 12.66 -6.49
C PRO A 268 -31.89 13.34 -7.81
N LEU A 269 -30.87 13.93 -8.40
CA LEU A 269 -30.98 14.58 -9.69
C LEU A 269 -30.88 13.58 -10.84
N THR A 270 -31.57 13.90 -11.93
CA THR A 270 -31.57 13.10 -13.14
C THR A 270 -31.43 14.04 -14.33
N LEU A 271 -30.37 13.87 -15.14
CA LEU A 271 -30.09 14.77 -16.25
C LEU A 271 -29.83 13.97 -17.52
N ARG A 272 -30.14 14.60 -18.65
CA ARG A 272 -29.97 14.05 -19.99
C ARG A 272 -29.27 15.12 -20.84
N TRP A 273 -28.73 14.71 -21.99
CA TRP A 273 -28.14 15.67 -22.93
C TRP A 273 -28.93 15.86 -24.22
N GLY A 274 -29.65 14.84 -24.70
CA GLY A 274 -30.40 14.98 -25.93
C GLY A 274 -31.74 15.71 -25.82
N MET B 1 8.30 0.82 3.80
CA MET B 1 8.80 2.04 3.18
C MET B 1 8.36 2.04 1.74
N ILE B 2 7.68 3.10 1.35
CA ILE B 2 7.13 3.18 0.01
C ILE B 2 7.29 4.61 -0.48
N GLN B 3 7.48 4.74 -1.78
CA GLN B 3 7.46 6.01 -2.47
C GLN B 3 6.36 5.95 -3.51
N ARG B 4 5.59 7.02 -3.64
CA ARG B 4 4.44 7.05 -4.53
C ARG B 4 4.46 8.27 -5.45
N THR B 5 4.14 8.05 -6.71
CA THR B 5 4.04 9.12 -7.69
C THR B 5 2.73 9.90 -7.52
N PRO B 6 2.75 11.20 -7.75
CA PRO B 6 1.55 12.01 -7.56
C PRO B 6 0.53 11.82 -8.67
N LYS B 7 -0.75 11.83 -8.32
CA LYS B 7 -1.79 12.08 -9.30
C LYS B 7 -1.95 13.60 -9.49
N ILE B 8 -2.25 14.00 -10.73
CA ILE B 8 -2.36 15.40 -11.11
C ILE B 8 -3.68 15.62 -11.83
N GLN B 9 -4.48 16.57 -11.35
CA GLN B 9 -5.66 17.05 -12.04
C GLN B 9 -5.57 18.57 -12.14
N VAL B 10 -5.77 19.09 -13.35
CA VAL B 10 -5.79 20.53 -13.63
C VAL B 10 -7.19 20.92 -14.06
N TYR B 11 -7.73 21.97 -13.45
CA TYR B 11 -9.13 22.29 -13.70
C TYR B 11 -9.40 23.68 -13.13
N SER B 12 -10.55 24.23 -13.48
CA SER B 12 -10.98 25.54 -12.99
C SER B 12 -11.98 25.40 -11.84
N ARG B 13 -11.98 26.42 -10.97
CA ARG B 13 -12.89 26.35 -9.84
C ARG B 13 -14.32 26.43 -10.30
N HIS B 14 -14.60 27.27 -11.29
CA HIS B 14 -15.90 27.40 -11.91
C HIS B 14 -15.75 27.08 -13.39
N PRO B 15 -16.85 26.79 -14.08
CA PRO B 15 -16.80 26.64 -15.54
C PRO B 15 -16.17 27.85 -16.23
N ALA B 16 -15.23 27.60 -17.13
CA ALA B 16 -14.50 28.67 -17.80
C ALA B 16 -15.43 29.51 -18.67
N GLU B 17 -15.29 30.82 -18.60
CA GLU B 17 -15.94 31.74 -19.51
C GLU B 17 -14.95 32.82 -19.89
N ASN B 18 -14.78 33.03 -21.19
CA ASN B 18 -13.79 33.97 -21.72
C ASN B 18 -14.03 35.37 -21.18
N GLY B 19 -13.00 35.95 -20.56
CA GLY B 19 -13.08 37.28 -19.98
C GLY B 19 -13.62 37.32 -18.57
N LYS B 20 -13.91 36.18 -17.95
CA LYS B 20 -14.53 36.10 -16.63
C LYS B 20 -13.54 35.51 -15.63
N SER B 21 -13.35 36.21 -14.52
CA SER B 21 -12.35 35.83 -13.53
C SER B 21 -12.69 34.49 -12.88
N ASN B 22 -11.66 33.67 -12.67
CA ASN B 22 -11.85 32.30 -12.19
C ASN B 22 -10.63 31.94 -11.32
N PHE B 23 -10.54 30.66 -10.92
CA PHE B 23 -9.37 30.15 -10.22
C PHE B 23 -8.87 28.92 -10.97
N LEU B 24 -7.58 28.90 -11.27
CA LEU B 24 -6.97 27.76 -11.92
C LEU B 24 -6.40 26.84 -10.85
N ASN B 25 -6.78 25.57 -10.89
CA ASN B 25 -6.43 24.63 -9.85
C ASN B 25 -5.51 23.54 -10.38
N CYS B 26 -4.52 23.15 -9.57
CA CYS B 26 -3.75 21.93 -9.79
C CYS B 26 -3.76 21.10 -8.52
N TYR B 27 -4.47 19.99 -8.54
CA TYR B 27 -4.61 19.14 -7.38
C TYR B 27 -3.64 17.96 -7.49
N VAL B 28 -2.70 17.85 -6.55
CA VAL B 28 -1.72 16.77 -6.57
C VAL B 28 -1.97 15.92 -5.34
N SER B 29 -2.09 14.61 -5.53
CA SER B 29 -2.51 13.72 -4.47
C SER B 29 -1.86 12.36 -4.66
N GLY B 30 -1.98 11.52 -3.63
CA GLY B 30 -1.44 10.17 -3.65
C GLY B 30 0.06 10.01 -3.68
N PHE B 31 0.84 11.05 -3.37
CA PHE B 31 2.30 10.97 -3.50
C PHE B 31 2.99 10.85 -2.13
N HIS B 32 4.21 10.32 -2.16
CA HIS B 32 5.11 10.16 -1.03
C HIS B 32 6.54 10.07 -1.53
N PRO B 33 7.49 10.86 -0.97
CA PRO B 33 7.35 11.78 0.16
C PRO B 33 6.72 13.12 -0.17
N SER B 34 6.68 14.01 0.83
CA SER B 34 5.84 15.21 0.72
C SER B 34 6.49 16.31 -0.09
N ASP B 35 7.81 16.32 -0.22
CA ASP B 35 8.50 17.33 -1.02
C ASP B 35 8.07 17.23 -2.49
N ILE B 36 7.54 18.32 -3.03
CA ILE B 36 7.00 18.31 -4.38
C ILE B 36 7.13 19.71 -4.95
N GLU B 37 7.33 19.81 -6.25
CA GLU B 37 7.48 21.11 -6.90
C GLU B 37 6.34 21.27 -7.88
N VAL B 38 5.52 22.31 -7.69
CA VAL B 38 4.31 22.52 -8.47
C VAL B 38 4.33 23.94 -8.99
N ASP B 39 4.24 24.08 -10.29
CA ASP B 39 4.16 25.38 -10.94
C ASP B 39 2.96 25.40 -11.85
N LEU B 40 2.28 26.54 -11.89
CA LEU B 40 1.23 26.79 -12.85
C LEU B 40 1.76 27.68 -13.97
N LEU B 41 1.39 27.37 -15.21
CA LEU B 41 1.96 28.03 -16.38
C LEU B 41 0.87 28.70 -17.21
N LYS B 42 1.14 29.94 -17.64
CA LYS B 42 0.31 30.66 -18.60
C LYS B 42 1.16 30.80 -19.86
N ASN B 43 0.71 30.16 -20.95
CA ASN B 43 1.47 30.10 -22.21
C ASN B 43 2.92 29.73 -21.96
N GLY B 44 3.15 28.77 -21.06
CA GLY B 44 4.48 28.24 -20.82
C GLY B 44 5.31 28.96 -19.77
N GLU B 45 4.86 30.08 -19.21
CA GLU B 45 5.64 30.80 -18.20
C GLU B 45 5.07 30.56 -16.80
N ARG B 46 5.95 30.50 -15.81
CA ARG B 46 5.51 30.23 -14.45
C ARG B 46 4.70 31.40 -13.93
N ILE B 47 3.56 31.11 -13.34
CA ILE B 47 2.75 32.15 -12.71
C ILE B 47 3.27 32.36 -11.29
N GLU B 48 3.41 33.62 -10.90
CA GLU B 48 4.15 33.95 -9.69
C GLU B 48 3.29 33.82 -8.44
N LYS B 49 2.06 34.33 -8.48
CA LYS B 49 1.23 34.33 -7.28
C LYS B 49 0.41 33.05 -7.27
N VAL B 50 1.05 31.96 -6.84
CA VAL B 50 0.38 30.67 -6.70
C VAL B 50 0.40 30.32 -5.23
N GLU B 51 -0.77 30.11 -4.66
CA GLU B 51 -0.89 29.69 -3.28
C GLU B 51 -1.22 28.20 -3.25
N HIS B 52 -1.18 27.64 -2.04
CA HIS B 52 -1.54 26.24 -1.88
C HIS B 52 -2.11 26.00 -0.50
N SER B 53 -3.02 25.03 -0.42
CA SER B 53 -3.57 24.58 0.84
C SER B 53 -2.48 23.94 1.70
N ASP B 54 -2.79 23.76 2.98
CA ASP B 54 -1.83 23.14 3.88
C ASP B 54 -1.65 21.67 3.56
N LEU B 55 -0.40 21.20 3.63
CA LEU B 55 -0.10 19.81 3.41
C LEU B 55 -0.89 18.93 4.37
N SER B 56 -1.54 17.91 3.83
CA SER B 56 -2.17 16.90 4.64
C SER B 56 -2.00 15.56 3.95
N PHE B 57 -2.55 14.51 4.55
CA PHE B 57 -2.38 13.18 3.97
C PHE B 57 -3.62 12.35 4.26
N SER B 58 -3.75 11.25 3.54
CA SER B 58 -4.95 10.45 3.63
C SER B 58 -4.66 9.10 4.30
N LYS B 59 -5.67 8.22 4.26
CA LYS B 59 -5.65 6.96 5.01
C LYS B 59 -4.37 6.17 4.79
N ASP B 60 -3.92 6.04 3.54
CA ASP B 60 -2.73 5.27 3.17
C ASP B 60 -1.40 6.02 3.38
N TRP B 61 -1.43 7.16 4.08
CA TRP B 61 -0.32 8.03 4.46
C TRP B 61 0.18 8.89 3.30
N SER B 62 -0.41 8.77 2.12
CA SER B 62 0.02 9.55 0.96
C SER B 62 -0.53 10.96 1.05
N PHE B 63 0.26 11.91 0.56
CA PHE B 63 0.00 13.34 0.71
C PHE B 63 -0.89 13.87 -0.40
N TYR B 64 -1.49 15.02 -0.14
CA TYR B 64 -2.30 15.72 -1.13
C TYR B 64 -2.26 17.22 -0.87
N LEU B 65 -2.42 17.99 -1.93
CA LEU B 65 -2.26 19.42 -1.87
C LEU B 65 -3.01 20.05 -3.05
N LEU B 66 -3.57 21.25 -2.83
CA LEU B 66 -4.15 22.04 -3.91
C LEU B 66 -3.30 23.28 -4.15
N TYR B 67 -2.78 23.44 -5.38
CA TYR B 67 -2.16 24.70 -5.79
C TYR B 67 -3.17 25.49 -6.62
N TYR B 68 -3.19 26.81 -6.43
CA TYR B 68 -4.22 27.59 -7.12
C TYR B 68 -3.76 29.03 -7.34
N THR B 69 -4.29 29.64 -8.39
CA THR B 69 -4.09 31.06 -8.65
C THR B 69 -5.35 31.66 -9.27
N GLU B 70 -5.46 32.98 -9.15
CA GLU B 70 -6.55 33.72 -9.80
C GLU B 70 -6.18 33.94 -11.26
N PHE B 71 -7.16 33.74 -12.14
CA PHE B 71 -6.88 34.00 -13.54
C PHE B 71 -8.20 34.29 -14.24
N THR B 72 -8.07 34.84 -15.44
CA THR B 72 -9.21 35.18 -16.29
C THR B 72 -8.93 34.52 -17.63
N PRO B 73 -9.57 33.39 -17.91
CA PRO B 73 -9.25 32.66 -19.15
C PRO B 73 -9.69 33.42 -20.39
N THR B 74 -8.93 33.22 -21.48
CA THR B 74 -9.19 33.82 -22.78
C THR B 74 -9.30 32.75 -23.86
N GLU B 75 -9.40 33.13 -25.13
CA GLU B 75 -9.60 32.12 -26.17
C GLU B 75 -8.33 31.32 -26.42
N LYS B 76 -7.19 32.00 -26.58
CA LYS B 76 -5.96 31.33 -26.97
C LYS B 76 -5.03 31.00 -25.80
N ASP B 77 -5.13 31.70 -24.67
CA ASP B 77 -4.18 31.52 -23.60
C ASP B 77 -4.18 30.09 -23.10
N GLU B 78 -3.00 29.48 -23.11
CA GLU B 78 -2.80 28.12 -22.66
C GLU B 78 -2.38 28.10 -21.19
N TYR B 79 -3.01 27.21 -20.44
CA TYR B 79 -2.66 27.00 -19.04
C TYR B 79 -2.27 25.55 -18.82
N ALA B 80 -1.36 25.35 -17.88
CA ALA B 80 -0.91 24.01 -17.57
C ALA B 80 -0.34 23.98 -16.16
N CYS B 81 -0.20 22.77 -15.63
CA CYS B 81 0.43 22.56 -14.34
C CYS B 81 1.68 21.71 -14.56
N ARG B 82 2.77 22.09 -13.92
CA ARG B 82 4.04 21.37 -14.04
C ARG B 82 4.41 20.85 -12.67
N VAL B 83 4.64 19.54 -12.57
CA VAL B 83 4.94 18.87 -11.31
C VAL B 83 6.27 18.13 -11.42
N ASN B 84 7.10 18.26 -10.39
CA ASN B 84 8.29 17.44 -10.25
C ASN B 84 8.31 16.82 -8.86
N HIS B 85 8.82 15.59 -8.79
CA HIS B 85 8.78 14.79 -7.57
C HIS B 85 9.85 13.71 -7.71
N VAL B 86 10.36 13.24 -6.56
CA VAL B 86 11.48 12.31 -6.59
C VAL B 86 11.11 11.02 -7.30
N THR B 87 9.84 10.62 -7.28
CA THR B 87 9.47 9.38 -7.96
C THR B 87 9.31 9.56 -9.46
N LEU B 88 9.40 10.77 -9.98
CA LEU B 88 9.13 11.04 -11.38
C LEU B 88 10.44 11.01 -12.12
N SER B 89 10.47 10.29 -13.24
CA SER B 89 11.66 10.30 -14.08
C SER B 89 11.89 11.68 -14.68
N GLN B 90 10.81 12.34 -15.07
CA GLN B 90 10.82 13.65 -15.68
C GLN B 90 9.80 14.53 -14.98
N PRO B 91 10.01 15.85 -14.98
CA PRO B 91 8.91 16.77 -14.69
C PRO B 91 7.75 16.44 -15.59
N LYS B 92 6.55 16.51 -15.02
CA LYS B 92 5.32 16.19 -15.72
C LYS B 92 4.54 17.47 -15.96
N ILE B 93 4.12 17.70 -17.20
CA ILE B 93 3.26 18.83 -17.53
C ILE B 93 1.92 18.28 -17.96
N VAL B 94 0.89 18.68 -17.21
CA VAL B 94 -0.50 18.39 -17.49
C VAL B 94 -1.15 19.69 -17.90
N LYS B 95 -1.76 19.69 -19.05
CA LYS B 95 -2.28 20.90 -19.64
C LYS B 95 -3.73 21.06 -19.22
N TRP B 96 -4.17 22.30 -19.09
CA TRP B 96 -5.56 22.56 -18.71
C TRP B 96 -6.48 22.38 -19.93
N ASP B 97 -7.46 21.49 -19.80
CA ASP B 97 -8.49 21.29 -20.79
C ASP B 97 -9.80 21.72 -20.13
N ARG B 98 -10.48 22.69 -20.74
CA ARG B 98 -11.55 23.37 -20.01
C ARG B 98 -12.80 22.53 -19.82
N ASP B 99 -12.95 21.41 -20.52
CA ASP B 99 -14.03 20.47 -20.25
C ASP B 99 -13.57 19.27 -19.43
N MET B 100 -12.53 19.43 -18.61
CA MET B 100 -12.09 18.34 -17.75
C MET B 100 -11.60 18.84 -16.39
N SER C 1 -8.84 -26.43 2.95
CA SER C 1 -8.89 -25.63 1.73
C SER C 1 -7.55 -25.59 0.98
N HIS C 2 -7.59 -25.66 -0.34
CA HIS C 2 -6.37 -25.66 -1.15
C HIS C 2 -6.52 -24.68 -2.31
N SER C 3 -5.39 -24.26 -2.86
CA SER C 3 -5.40 -23.26 -3.90
C SER C 3 -4.44 -23.64 -5.01
N LEU C 4 -4.83 -23.30 -6.23
CA LEU C 4 -3.94 -23.25 -7.38
C LEU C 4 -3.89 -21.80 -7.82
N ARG C 5 -2.67 -21.26 -7.95
CA ARG C 5 -2.47 -19.85 -8.22
C ARG C 5 -1.27 -19.64 -9.14
N TYR C 6 -1.42 -18.75 -10.10
CA TYR C 6 -0.36 -18.39 -11.02
C TYR C 6 -0.04 -16.92 -10.82
N PHE C 7 1.25 -16.61 -10.73
CA PHE C 7 1.74 -15.25 -10.53
C PHE C 7 2.54 -14.86 -11.76
N VAL C 8 2.09 -13.80 -12.44
CA VAL C 8 2.63 -13.41 -13.73
C VAL C 8 3.17 -12.00 -13.61
N THR C 9 4.41 -11.81 -14.08
CA THR C 9 5.12 -10.54 -14.05
C THR C 9 5.65 -10.23 -15.44
N ALA C 10 5.37 -9.03 -15.95
CA ALA C 10 5.93 -8.55 -17.20
C ALA C 10 6.62 -7.20 -16.96
N VAL C 11 7.90 -7.10 -17.32
CA VAL C 11 8.73 -5.91 -17.06
C VAL C 11 9.26 -5.39 -18.37
N SER C 12 8.89 -4.16 -18.74
CA SER C 12 9.45 -3.59 -19.96
C SER C 12 10.93 -3.33 -19.74
N ARG C 13 11.70 -3.45 -20.82
CA ARG C 13 13.15 -3.19 -20.80
C ARG C 13 13.54 -2.40 -22.04
N PRO C 14 13.26 -1.10 -22.04
CA PRO C 14 13.62 -0.27 -23.21
C PRO C 14 15.09 -0.45 -23.53
N GLY C 15 15.41 -0.49 -24.82
CA GLY C 15 16.78 -0.67 -25.23
C GLY C 15 17.19 -2.14 -25.33
N PHE C 16 16.59 -3.01 -24.53
CA PHE C 16 16.79 -4.43 -24.70
C PHE C 16 15.84 -5.06 -25.72
N GLY C 17 14.75 -4.39 -26.07
CA GLY C 17 13.82 -5.00 -27.01
C GLY C 17 12.60 -5.45 -26.23
N GLU C 18 12.51 -6.75 -25.99
CA GLU C 18 11.33 -7.45 -25.49
C GLU C 18 11.29 -7.43 -23.96
N PRO C 19 10.07 -7.37 -23.42
CA PRO C 19 9.89 -7.36 -21.96
C PRO C 19 10.34 -8.67 -21.33
N ARG C 20 10.77 -8.58 -20.06
CA ARG C 20 10.97 -9.78 -19.25
C ARG C 20 9.63 -10.36 -18.86
N TYR C 21 9.42 -11.64 -19.14
CA TYR C 21 8.14 -12.27 -18.89
C TYR C 21 8.31 -13.53 -18.04
N MET C 22 7.52 -13.65 -16.99
CA MET C 22 7.62 -14.73 -16.01
C MET C 22 6.24 -15.17 -15.55
N GLU C 23 6.06 -16.49 -15.47
CA GLU C 23 4.92 -17.10 -14.81
C GLU C 23 5.44 -18.07 -13.76
N VAL C 24 4.76 -18.16 -12.63
CA VAL C 24 5.09 -19.13 -11.59
C VAL C 24 3.79 -19.75 -11.09
N GLY C 25 3.76 -21.08 -11.01
CA GLY C 25 2.59 -21.80 -10.56
C GLY C 25 2.78 -22.34 -9.15
N TYR C 26 1.75 -22.18 -8.32
CA TYR C 26 1.78 -22.67 -6.96
C TYR C 26 0.56 -23.53 -6.66
N VAL C 27 0.77 -24.58 -5.86
CA VAL C 27 -0.31 -25.23 -5.13
C VAL C 27 -0.02 -24.99 -3.65
N ASP C 28 -0.97 -24.34 -2.97
CA ASP C 28 -0.82 -23.90 -1.57
C ASP C 28 0.51 -23.13 -1.47
N ASN C 29 1.34 -23.39 -0.46
CA ASN C 29 2.64 -22.74 -0.31
C ASN C 29 3.76 -23.45 -1.07
N THR C 30 3.44 -24.14 -2.16
CA THR C 30 4.43 -24.96 -2.85
C THR C 30 4.53 -24.57 -4.32
N GLU C 31 5.69 -24.08 -4.73
CA GLU C 31 5.92 -23.81 -6.14
C GLU C 31 6.01 -25.12 -6.92
N PHE C 32 5.42 -25.14 -8.12
CA PHE C 32 5.53 -26.36 -8.91
C PHE C 32 5.78 -26.17 -10.40
N VAL C 33 5.71 -24.95 -10.95
CA VAL C 33 6.02 -24.71 -12.36
C VAL C 33 6.52 -23.27 -12.50
N ARG C 34 7.24 -23.02 -13.60
CA ARG C 34 7.73 -21.68 -13.91
C ARG C 34 7.92 -21.55 -15.41
N PHE C 35 7.93 -20.30 -15.85
CA PHE C 35 8.26 -19.90 -17.22
C PHE C 35 9.09 -18.63 -17.12
N ASP C 36 10.17 -18.55 -17.90
CA ASP C 36 11.03 -17.39 -17.88
C ASP C 36 11.50 -17.12 -19.30
N SER C 37 11.14 -15.95 -19.83
CA SER C 37 11.53 -15.58 -21.19
C SER C 37 13.03 -15.36 -21.32
N ASP C 38 13.74 -15.20 -20.20
CA ASP C 38 15.19 -15.03 -20.22
C ASP C 38 15.94 -16.35 -20.26
N ALA C 39 15.25 -17.47 -20.21
CA ALA C 39 15.89 -18.75 -20.45
C ALA C 39 16.40 -18.79 -21.89
N GLU C 40 17.35 -19.70 -22.14
CA GLU C 40 17.84 -19.85 -23.50
C GLU C 40 16.79 -20.48 -24.40
N ASN C 41 15.98 -21.39 -23.85
CA ASN C 41 14.83 -21.94 -24.55
C ASN C 41 13.62 -21.74 -23.65
N PRO C 42 12.97 -20.58 -23.72
CA PRO C 42 11.88 -20.28 -22.76
C PRO C 42 10.74 -21.28 -22.94
N ARG C 43 10.29 -21.83 -21.81
CA ARG C 43 9.32 -22.92 -21.79
C ARG C 43 8.78 -23.10 -20.38
N TYR C 44 7.59 -23.69 -20.27
CA TYR C 44 7.12 -24.14 -18.98
C TYR C 44 8.01 -25.27 -18.47
N GLU C 45 8.45 -25.17 -17.22
CA GLU C 45 9.38 -26.13 -16.67
C GLU C 45 8.89 -26.62 -15.31
N PRO C 46 9.15 -27.89 -14.99
CA PRO C 46 8.79 -28.39 -13.66
C PRO C 46 9.69 -27.81 -12.59
N ARG C 47 9.10 -27.49 -11.42
CA ARG C 47 9.85 -27.03 -10.27
C ARG C 47 9.45 -27.82 -9.02
N ALA C 48 8.75 -28.92 -9.21
CA ALA C 48 8.45 -29.89 -8.16
C ALA C 48 8.54 -31.26 -8.80
N ARG C 49 8.88 -32.26 -8.00
CA ARG C 49 9.05 -33.58 -8.60
C ARG C 49 7.72 -34.09 -9.15
N TRP C 50 6.62 -33.84 -8.43
CA TRP C 50 5.37 -34.54 -8.71
C TRP C 50 4.75 -34.13 -10.04
N ILE C 51 5.01 -32.91 -10.50
CA ILE C 51 4.40 -32.45 -11.76
C ILE C 51 5.08 -33.09 -12.97
N GLU C 52 6.25 -33.69 -12.79
CA GLU C 52 6.92 -34.27 -13.94
C GLU C 52 6.22 -35.48 -14.50
N GLN C 53 5.22 -36.04 -13.81
CA GLN C 53 4.44 -37.12 -14.41
C GLN C 53 3.59 -36.62 -15.56
N GLU C 54 3.36 -35.31 -15.66
CA GLU C 54 2.62 -34.75 -16.78
C GLU C 54 3.24 -35.13 -18.12
N GLY C 55 2.39 -35.55 -19.05
CA GLY C 55 2.81 -35.92 -20.37
C GLY C 55 3.33 -34.74 -21.18
N PRO C 56 3.94 -35.04 -22.33
CA PRO C 56 4.48 -33.96 -23.16
C PRO C 56 3.43 -33.02 -23.71
N GLU C 57 2.17 -33.48 -23.84
CA GLU C 57 1.10 -32.58 -24.25
C GLU C 57 0.87 -31.49 -23.21
N TYR C 58 1.02 -31.81 -21.94
CA TYR C 58 0.90 -30.78 -20.91
C TYR C 58 1.96 -29.71 -21.09
N TRP C 59 3.22 -30.11 -21.29
CA TRP C 59 4.28 -29.11 -21.36
C TRP C 59 4.18 -28.27 -22.61
N GLU C 60 3.81 -28.87 -23.75
CA GLU C 60 3.66 -28.06 -24.96
C GLU C 60 2.52 -27.07 -24.85
N ARG C 61 1.40 -27.48 -24.24
CA ARG C 61 0.24 -26.60 -24.15
C ARG C 61 0.51 -25.43 -23.21
N GLU C 62 1.23 -25.66 -22.11
CA GLU C 62 1.50 -24.58 -21.16
C GLU C 62 2.52 -23.61 -21.73
N THR C 63 3.54 -24.13 -22.41
CA THR C 63 4.49 -23.30 -23.13
C THR C 63 3.77 -22.40 -24.13
N ARG C 64 2.86 -22.98 -24.92
CA ARG C 64 2.12 -22.18 -25.90
C ARG C 64 1.25 -21.14 -25.22
N ARG C 65 0.60 -21.50 -24.10
CA ARG C 65 -0.23 -20.54 -23.37
C ARG C 65 0.62 -19.41 -22.83
N ALA C 66 1.79 -19.73 -22.27
CA ALA C 66 2.69 -18.72 -21.74
C ALA C 66 3.12 -17.76 -22.85
N LYS C 67 3.56 -18.29 -23.98
CA LYS C 67 4.04 -17.45 -25.08
C LYS C 67 2.92 -16.58 -25.64
N GLY C 68 1.70 -17.13 -25.72
CA GLY C 68 0.58 -16.31 -26.10
C GLY C 68 0.33 -15.18 -25.11
N ASN C 69 0.37 -15.49 -23.82
CA ASN C 69 0.21 -14.45 -22.81
C ASN C 69 1.30 -13.40 -22.93
N GLU C 70 2.53 -13.83 -23.20
CA GLU C 70 3.66 -12.90 -23.34
C GLU C 70 3.43 -11.90 -24.46
N GLN C 71 2.89 -12.35 -25.59
CA GLN C 71 2.54 -11.42 -26.65
C GLN C 71 1.51 -10.39 -26.14
N SER C 72 0.47 -10.85 -25.44
CA SER C 72 -0.55 -9.94 -24.93
C SER C 72 0.03 -8.98 -23.90
N PHE C 73 0.92 -9.46 -23.04
CA PHE C 73 1.48 -8.54 -22.05
C PHE C 73 2.38 -7.51 -22.71
N ARG C 74 2.99 -7.85 -23.85
CA ARG C 74 3.78 -6.88 -24.59
C ARG C 74 2.89 -5.75 -25.09
N VAL C 75 1.75 -6.09 -25.66
CA VAL C 75 0.80 -5.07 -26.08
C VAL C 75 0.37 -4.23 -24.88
N ASP C 76 0.03 -4.89 -23.77
CA ASP C 76 -0.51 -4.18 -22.61
C ASP C 76 0.47 -3.16 -22.06
N LEU C 77 1.76 -3.47 -22.06
CA LEU C 77 2.74 -2.51 -21.54
C LEU C 77 2.76 -1.24 -22.39
N ARG C 78 2.58 -1.38 -23.71
CA ARG C 78 2.49 -0.20 -24.56
C ARG C 78 1.20 0.56 -24.32
N THR C 79 0.08 -0.15 -24.22
CA THR C 79 -1.21 0.47 -23.95
C THR C 79 -1.17 1.26 -22.65
N ALA C 80 -0.67 0.65 -21.59
CA ALA C 80 -0.61 1.32 -20.30
C ALA C 80 0.28 2.55 -20.36
N LEU C 81 1.42 2.44 -21.06
CA LEU C 81 2.32 3.58 -21.15
C LEU C 81 1.65 4.77 -21.80
N ARG C 82 0.83 4.52 -22.83
CA ARG C 82 0.14 5.61 -23.51
C ARG C 82 -0.92 6.23 -22.62
N CYS C 83 -1.70 5.39 -21.93
CA CYS C 83 -2.83 5.89 -21.14
C CYS C 83 -2.39 6.72 -19.93
N TYR C 84 -1.28 6.35 -19.29
CA TYR C 84 -0.75 7.15 -18.20
C TYR C 84 0.21 8.26 -18.65
N ASN C 85 0.40 8.43 -19.96
CA ASN C 85 1.30 9.44 -20.55
C ASN C 85 2.67 9.36 -19.93
N GLN C 86 3.22 8.15 -19.89
CA GLN C 86 4.54 7.94 -19.30
C GLN C 86 5.61 7.90 -20.40
N SER C 87 6.84 8.21 -20.00
CA SER C 87 7.98 8.24 -20.90
C SER C 87 8.31 6.85 -21.45
N ALA C 88 8.77 6.83 -22.70
CA ALA C 88 9.01 5.58 -23.41
C ALA C 88 10.28 4.86 -22.94
N GLY C 89 11.25 5.58 -22.39
CA GLY C 89 12.49 4.92 -22.04
C GLY C 89 12.56 4.29 -20.67
N GLY C 90 11.46 4.25 -19.92
CA GLY C 90 11.47 3.74 -18.56
C GLY C 90 10.91 2.33 -18.47
N SER C 91 11.36 1.59 -17.47
CA SER C 91 10.89 0.24 -17.24
C SER C 91 9.62 0.27 -16.41
N HIS C 92 8.64 -0.55 -16.79
CA HIS C 92 7.36 -0.63 -16.09
C HIS C 92 6.91 -2.07 -15.97
N THR C 93 6.04 -2.33 -14.98
CA THR C 93 5.57 -3.72 -14.72
C THR C 93 4.04 -3.79 -14.74
N LEU C 94 3.49 -4.98 -14.95
CA LEU C 94 2.03 -5.24 -14.97
C LEU C 94 1.79 -6.67 -14.46
N GLN C 95 1.81 -6.83 -13.13
CA GLN C 95 1.63 -8.17 -12.49
C GLN C 95 0.21 -8.70 -12.72
N TRP C 96 0.07 -10.03 -12.74
CA TRP C 96 -1.20 -10.71 -12.92
C TRP C 96 -1.25 -11.92 -11.99
N MET C 97 -2.34 -12.04 -11.24
CA MET C 97 -2.56 -13.19 -10.37
C MET C 97 -3.91 -13.78 -10.71
N ALA C 98 -3.94 -15.08 -10.90
CA ALA C 98 -5.19 -15.77 -11.17
C ALA C 98 -5.10 -17.13 -10.51
N GLY C 99 -6.25 -17.60 -10.06
CA GLY C 99 -6.28 -18.89 -9.42
C GLY C 99 -7.57 -19.06 -8.66
N CYS C 100 -7.65 -20.20 -8.00
CA CYS C 100 -8.90 -20.65 -7.42
C CYS C 100 -8.62 -21.24 -6.04
N ASP C 101 -9.52 -20.98 -5.11
CA ASP C 101 -9.51 -21.61 -3.80
C ASP C 101 -10.68 -22.57 -3.73
N VAL C 102 -10.41 -23.80 -3.32
CA VAL C 102 -11.42 -24.84 -3.40
C VAL C 102 -11.65 -25.46 -2.03
N GLU C 103 -12.94 -25.66 -1.72
CA GLU C 103 -13.39 -26.41 -0.56
C GLU C 103 -13.24 -27.90 -0.78
N SER C 104 -13.61 -28.67 0.24
CA SER C 104 -13.65 -30.12 0.14
C SER C 104 -14.59 -30.60 -0.95
N ASP C 105 -15.71 -29.91 -1.17
CA ASP C 105 -16.65 -30.28 -2.23
C ASP C 105 -16.04 -30.25 -3.62
N GLY C 106 -14.87 -29.66 -3.79
CA GLY C 106 -14.48 -29.28 -5.12
C GLY C 106 -15.20 -28.03 -5.58
N ARG C 107 -16.13 -27.51 -4.78
CA ARG C 107 -16.79 -26.25 -5.08
C ARG C 107 -15.82 -25.11 -4.92
N LEU C 108 -15.90 -24.14 -5.82
CA LEU C 108 -15.05 -22.98 -5.73
C LEU C 108 -15.41 -22.14 -4.51
N LEU C 109 -14.39 -21.79 -3.73
CA LEU C 109 -14.50 -20.91 -2.58
C LEU C 109 -14.20 -19.46 -2.94
N ARG C 110 -13.19 -19.23 -3.77
CA ARG C 110 -12.89 -17.88 -4.25
C ARG C 110 -12.08 -18.00 -5.54
N GLY C 111 -12.45 -17.22 -6.53
CA GLY C 111 -11.68 -17.11 -7.76
C GLY C 111 -10.99 -15.76 -7.81
N TYR C 112 -9.77 -15.74 -8.36
CA TYR C 112 -9.00 -14.52 -8.52
C TYR C 112 -8.63 -14.34 -9.98
N TRP C 113 -8.64 -13.08 -10.41
CA TRP C 113 -8.21 -12.70 -11.75
C TRP C 113 -8.00 -11.18 -11.68
N GLN C 114 -6.78 -10.78 -11.30
CA GLN C 114 -6.52 -9.39 -10.97
C GLN C 114 -5.13 -8.98 -11.42
N PHE C 115 -4.98 -7.67 -11.63
CA PHE C 115 -3.77 -7.08 -12.19
C PHE C 115 -3.27 -5.92 -11.35
N ALA C 116 -1.97 -5.68 -11.44
CA ALA C 116 -1.32 -4.50 -10.88
C ALA C 116 -0.43 -3.86 -11.92
N TYR C 117 -0.39 -2.54 -11.90
CA TYR C 117 0.51 -1.79 -12.75
C TYR C 117 1.43 -0.93 -11.90
N ASP C 118 2.73 -1.03 -12.16
CA ASP C 118 3.79 -0.43 -11.36
C ASP C 118 3.54 -0.53 -9.86
N GLY C 119 3.17 -1.74 -9.43
CA GLY C 119 3.06 -2.04 -8.02
C GLY C 119 1.71 -1.73 -7.40
N SER C 120 0.79 -1.12 -8.15
CA SER C 120 -0.50 -0.71 -7.60
C SER C 120 -1.64 -1.39 -8.32
N ASP C 121 -2.71 -1.64 -7.57
CA ASP C 121 -3.93 -2.26 -8.09
C ASP C 121 -4.34 -1.59 -9.38
N TYR C 122 -4.62 -2.40 -10.39
CA TYR C 122 -5.14 -1.90 -11.65
C TYR C 122 -6.59 -2.34 -11.83
N ILE C 123 -6.84 -3.63 -12.04
CA ILE C 123 -8.19 -4.12 -12.19
C ILE C 123 -8.25 -5.49 -11.55
N ALA C 124 -9.41 -5.81 -10.99
CA ALA C 124 -9.58 -7.05 -10.24
C ALA C 124 -10.96 -7.61 -10.52
N LEU C 125 -11.04 -8.92 -10.79
CA LEU C 125 -12.34 -9.57 -10.85
C LEU C 125 -12.90 -9.65 -9.44
N ASN C 126 -14.14 -9.17 -9.26
CA ASN C 126 -14.77 -9.21 -7.96
C ASN C 126 -15.14 -10.64 -7.60
N GLU C 127 -15.56 -10.82 -6.34
CA GLU C 127 -15.82 -12.18 -5.86
C GLU C 127 -17.02 -12.78 -6.58
N ASP C 128 -17.96 -11.94 -7.05
CA ASP C 128 -19.08 -12.42 -7.84
C ASP C 128 -18.64 -13.03 -9.16
N LEU C 129 -17.39 -12.85 -9.54
CA LEU C 129 -16.86 -13.33 -10.82
C LEU C 129 -17.64 -12.81 -12.02
N LYS C 130 -18.34 -11.68 -11.87
CA LYS C 130 -19.05 -11.06 -12.99
C LYS C 130 -18.67 -9.60 -13.24
N THR C 131 -18.15 -8.90 -12.24
CA THR C 131 -17.89 -7.47 -12.30
C THR C 131 -16.45 -7.20 -11.87
N TRP C 132 -15.97 -5.99 -12.21
CA TRP C 132 -14.57 -5.61 -12.04
C TRP C 132 -14.43 -4.39 -11.14
N THR C 133 -13.47 -4.45 -10.22
CA THR C 133 -13.03 -3.28 -9.46
C THR C 133 -11.86 -2.63 -10.21
N ALA C 134 -12.06 -1.39 -10.63
CA ALA C 134 -11.08 -0.64 -11.42
C ALA C 134 -10.55 0.51 -10.60
N ALA C 135 -9.23 0.53 -10.41
CA ALA C 135 -8.63 1.39 -9.42
C ALA C 135 -8.52 2.85 -9.88
N ASP C 136 -8.31 3.09 -11.17
CA ASP C 136 -8.13 4.45 -11.69
C ASP C 136 -8.75 4.52 -13.09
N MET C 137 -8.52 5.64 -13.77
CA MET C 137 -9.25 5.88 -15.02
C MET C 137 -8.79 4.95 -16.13
N CYS C 138 -7.48 4.69 -16.22
CA CYS C 138 -6.97 3.78 -17.23
C CYS C 138 -7.58 2.39 -17.08
N ALA C 139 -7.69 1.89 -15.85
CA ALA C 139 -8.29 0.60 -15.62
C ALA C 139 -9.80 0.64 -15.80
N GLN C 140 -10.44 1.78 -15.58
CA GLN C 140 -11.87 1.90 -15.92
C GLN C 140 -12.05 1.79 -17.42
N ILE C 141 -11.11 2.33 -18.20
CA ILE C 141 -11.20 2.18 -19.65
C ILE C 141 -11.06 0.71 -20.02
N THR C 142 -10.07 0.03 -19.45
CA THR C 142 -9.95 -1.42 -19.62
C THR C 142 -11.24 -2.13 -19.22
N ARG C 143 -11.85 -1.72 -18.09
CA ARG C 143 -13.05 -2.39 -17.64
C ARG C 143 -14.19 -2.22 -18.64
N ARG C 144 -14.35 -1.01 -19.18
CA ARG C 144 -15.38 -0.81 -20.22
C ARG C 144 -15.17 -1.76 -21.39
N LYS C 145 -13.92 -1.93 -21.81
CA LYS C 145 -13.64 -2.80 -22.95
C LYS C 145 -13.92 -4.28 -22.61
N TRP C 146 -13.54 -4.70 -21.39
CA TRP C 146 -13.75 -6.08 -20.97
C TRP C 146 -15.23 -6.35 -20.70
N GLU C 147 -15.97 -5.33 -20.29
CA GLU C 147 -17.42 -5.48 -20.16
C GLU C 147 -18.06 -5.69 -21.53
N GLN C 148 -17.69 -4.87 -22.51
CA GLN C 148 -18.31 -5.00 -23.82
C GLN C 148 -17.82 -6.24 -24.56
N ALA C 149 -16.72 -6.84 -24.12
CA ALA C 149 -16.22 -8.07 -24.70
C ALA C 149 -16.63 -9.32 -23.93
N GLY C 150 -17.26 -9.19 -22.78
CA GLY C 150 -17.62 -10.37 -22.02
C GLY C 150 -16.45 -11.09 -21.42
N ALA C 151 -15.40 -10.35 -21.02
CA ALA C 151 -14.20 -10.99 -20.51
C ALA C 151 -14.45 -11.79 -19.25
N ALA C 152 -15.26 -11.25 -18.31
CA ALA C 152 -15.51 -11.91 -17.05
C ALA C 152 -16.14 -13.29 -17.26
N GLU C 153 -17.06 -13.38 -18.21
CA GLU C 153 -17.63 -14.67 -18.58
C GLU C 153 -16.54 -15.69 -18.83
N ARG C 154 -15.56 -15.32 -19.66
CA ARG C 154 -14.60 -16.33 -20.10
C ARG C 154 -13.56 -16.60 -19.03
N ASP C 155 -13.25 -15.60 -18.18
CA ASP C 155 -12.38 -15.80 -17.04
C ASP C 155 -13.04 -16.67 -15.96
N ARG C 156 -14.32 -16.44 -15.69
CA ARG C 156 -15.04 -17.27 -14.72
C ARG C 156 -15.10 -18.73 -15.14
N ALA C 157 -15.21 -19.01 -16.44
CA ALA C 157 -15.15 -20.39 -16.90
C ALA C 157 -13.84 -21.06 -16.47
N TYR C 158 -12.72 -20.35 -16.65
CA TYR C 158 -11.43 -20.90 -16.24
C TYR C 158 -11.39 -21.18 -14.74
N LEU C 159 -11.73 -20.16 -13.95
CA LEU C 159 -11.61 -20.24 -12.51
C LEU C 159 -12.51 -21.31 -11.94
N GLU C 160 -13.66 -21.51 -12.56
CA GLU C 160 -14.63 -22.47 -12.08
C GLU C 160 -14.44 -23.85 -12.68
N GLY C 161 -13.88 -23.94 -13.88
CA GLY C 161 -13.70 -25.19 -14.58
C GLY C 161 -12.28 -25.66 -14.48
N GLU C 162 -11.44 -25.31 -15.46
CA GLU C 162 -10.10 -25.89 -15.58
C GLU C 162 -9.29 -25.69 -14.31
N CYS C 163 -9.49 -24.58 -13.61
CA CYS C 163 -8.66 -24.32 -12.43
C CYS C 163 -8.97 -25.31 -11.33
N VAL C 164 -10.26 -25.59 -11.09
CA VAL C 164 -10.63 -26.57 -10.08
C VAL C 164 -10.26 -27.97 -10.53
N GLU C 165 -10.54 -28.29 -11.79
CA GLU C 165 -10.20 -29.61 -12.32
C GLU C 165 -8.71 -29.92 -12.17
N TRP C 166 -7.86 -28.97 -12.56
CA TRP C 166 -6.42 -29.24 -12.52
C TRP C 166 -5.86 -29.21 -11.10
N LEU C 167 -6.39 -28.32 -10.25
CA LEU C 167 -6.01 -28.35 -8.83
C LEU C 167 -6.26 -29.73 -8.24
N ARG C 168 -7.45 -30.29 -8.48
CA ARG C 168 -7.75 -31.62 -7.96
C ARG C 168 -6.76 -32.64 -8.51
N ARG C 169 -6.37 -32.52 -9.78
CA ARG C 169 -5.40 -33.45 -10.34
C ARG C 169 -4.05 -33.29 -9.68
N TYR C 170 -3.66 -32.06 -9.37
CA TYR C 170 -2.34 -31.83 -8.76
C TYR C 170 -2.27 -32.37 -7.34
N LEU C 171 -3.37 -32.29 -6.59
CA LEU C 171 -3.36 -32.80 -5.22
C LEU C 171 -3.27 -34.31 -5.19
N LYS C 172 -3.83 -34.98 -6.20
CA LYS C 172 -3.66 -36.41 -6.34
C LYS C 172 -2.23 -36.77 -6.74
N ASN C 173 -1.71 -36.14 -7.81
CA ASN C 173 -0.38 -36.47 -8.30
C ASN C 173 0.70 -36.06 -7.31
N GLY C 174 0.50 -34.97 -6.58
CA GLY C 174 1.51 -34.49 -5.66
C GLY C 174 1.13 -34.69 -4.21
N ASN C 175 0.32 -35.72 -3.94
CA ASN C 175 -0.27 -35.89 -2.61
C ASN C 175 0.80 -36.11 -1.56
N ALA C 176 1.86 -36.85 -1.89
CA ALA C 176 2.91 -37.13 -0.93
C ALA C 176 3.59 -35.86 -0.43
N THR C 177 3.56 -34.80 -1.24
CA THR C 177 4.12 -33.49 -0.89
C THR C 177 3.06 -32.51 -0.38
N LEU C 178 1.99 -32.34 -1.17
CA LEU C 178 1.04 -31.27 -0.89
C LEU C 178 0.17 -31.61 0.30
N LEU C 179 -0.32 -32.84 0.35
CA LEU C 179 -1.18 -33.23 1.44
C LEU C 179 -0.40 -33.62 2.67
N ARG C 180 0.92 -33.63 2.59
CA ARG C 180 1.72 -33.86 3.79
C ARG C 180 1.69 -32.63 4.67
N THR C 181 1.73 -32.85 5.97
CA THR C 181 1.89 -31.75 6.90
C THR C 181 3.11 -32.05 7.76
N ASP C 182 3.99 -31.07 7.91
CA ASP C 182 5.12 -31.23 8.79
C ASP C 182 4.88 -30.30 9.95
N PRO C 183 4.70 -30.79 11.16
CA PRO C 183 4.48 -29.92 12.28
C PRO C 183 5.76 -29.19 12.59
N PRO C 184 5.70 -27.99 13.16
CA PRO C 184 6.94 -27.31 13.55
C PRO C 184 7.67 -28.12 14.60
N LYS C 185 8.99 -28.08 14.53
CA LYS C 185 9.84 -28.53 15.62
C LYS C 185 10.30 -27.29 16.38
N ALA C 186 10.11 -27.29 17.70
CA ALA C 186 10.26 -26.07 18.47
C ALA C 186 11.31 -26.25 19.55
N HIS C 187 12.03 -25.15 19.84
CA HIS C 187 12.91 -25.11 20.99
C HIS C 187 13.07 -23.67 21.42
N VAL C 188 13.51 -23.48 22.67
CA VAL C 188 13.72 -22.15 23.22
C VAL C 188 15.22 -21.98 23.44
N THR C 189 15.75 -20.87 22.97
CA THR C 189 17.12 -20.48 23.28
C THR C 189 17.08 -19.33 24.28
N HIS C 190 18.24 -19.04 24.86
CA HIS C 190 18.29 -18.12 25.98
C HIS C 190 19.61 -17.41 25.85
N HIS C 191 19.58 -16.08 25.95
CA HIS C 191 20.80 -15.30 25.79
C HIS C 191 20.77 -14.15 26.78
N ARG C 192 21.82 -14.06 27.59
CA ARG C 192 21.95 -12.99 28.57
C ARG C 192 22.25 -11.68 27.83
N ARG C 193 21.49 -10.63 28.13
CA ARG C 193 21.64 -9.32 27.53
C ARG C 193 22.57 -8.43 28.36
N PRO C 194 23.27 -7.49 27.73
CA PRO C 194 24.09 -6.55 28.51
C PRO C 194 23.32 -5.80 29.57
N GLU C 195 22.01 -5.57 29.35
CA GLU C 195 21.14 -4.94 30.33
C GLU C 195 20.96 -5.77 31.59
N GLY C 196 21.38 -7.04 31.57
CA GLY C 196 21.30 -7.90 32.73
C GLY C 196 20.10 -8.80 32.75
N ASP C 197 19.17 -8.62 31.81
CA ASP C 197 18.00 -9.46 31.68
C ASP C 197 18.30 -10.52 30.61
N VAL C 198 17.26 -11.18 30.11
CA VAL C 198 17.47 -12.33 29.24
C VAL C 198 16.48 -12.27 28.09
N THR C 199 16.96 -12.60 26.89
CA THR C 199 16.12 -12.83 25.74
C THR C 199 15.83 -14.34 25.66
N LEU C 200 14.55 -14.69 25.72
CA LEU C 200 14.12 -16.05 25.42
C LEU C 200 13.57 -16.05 23.99
N ARG C 201 14.09 -16.94 23.16
CA ARG C 201 13.66 -16.99 21.77
C ARG C 201 13.05 -18.34 21.50
N CYS C 202 11.81 -18.33 21.04
CA CYS C 202 11.06 -19.55 20.75
C CYS C 202 11.10 -19.78 19.24
N TRP C 203 11.71 -20.89 18.82
CA TRP C 203 11.86 -21.23 17.41
C TRP C 203 10.81 -22.22 16.97
N ALA C 204 10.30 -22.03 15.76
CA ALA C 204 9.54 -23.08 15.08
C ALA C 204 10.18 -23.26 13.71
N LEU C 205 10.67 -24.47 13.45
CA LEU C 205 11.42 -24.80 12.25
C LEU C 205 10.81 -26.01 11.57
N GLY C 206 10.94 -26.05 10.24
CA GLY C 206 10.59 -27.23 9.49
C GLY C 206 9.10 -27.48 9.31
N PHE C 207 8.27 -26.44 9.35
CA PHE C 207 6.84 -26.70 9.24
C PHE C 207 6.32 -26.36 7.85
N TYR C 208 5.18 -26.98 7.51
CA TYR C 208 4.45 -26.77 6.27
C TYR C 208 3.00 -27.15 6.55
N PRO C 209 2.01 -26.38 6.08
CA PRO C 209 2.11 -25.13 5.31
C PRO C 209 2.58 -23.96 6.16
N ALA C 210 2.59 -22.77 5.58
CA ALA C 210 3.28 -21.63 6.19
C ALA C 210 2.50 -21.00 7.35
N ASP C 211 1.18 -21.19 7.43
CA ASP C 211 0.42 -20.55 8.49
C ASP C 211 0.77 -21.12 9.86
N ILE C 212 1.17 -20.24 10.77
CA ILE C 212 1.54 -20.64 12.11
C ILE C 212 1.31 -19.45 13.05
N THR C 213 1.04 -19.75 14.32
CA THR C 213 0.90 -18.70 15.33
C THR C 213 1.81 -19.03 16.51
N LEU C 214 2.71 -18.11 16.83
CA LEU C 214 3.62 -18.18 17.97
C LEU C 214 3.25 -17.11 18.98
N THR C 215 3.10 -17.49 20.25
CA THR C 215 2.84 -16.52 21.29
C THR C 215 3.65 -16.86 22.53
N TRP C 216 4.06 -15.84 23.25
CA TRP C 216 4.66 -15.97 24.56
C TRP C 216 3.62 -15.61 25.62
N GLN C 217 3.59 -16.36 26.70
CA GLN C 217 2.68 -16.11 27.81
C GLN C 217 3.42 -16.02 29.12
N LEU C 218 2.88 -15.23 30.05
CA LEU C 218 3.39 -15.09 31.40
C LEU C 218 2.25 -15.39 32.36
N ASN C 219 2.34 -16.53 33.05
CA ASN C 219 1.28 -17.00 33.93
C ASN C 219 -0.08 -16.94 33.22
N GLY C 220 -0.14 -17.54 32.04
CA GLY C 220 -1.41 -17.59 31.33
C GLY C 220 -1.83 -16.30 30.68
N GLU C 221 -1.01 -15.25 30.76
CA GLU C 221 -1.31 -13.95 30.17
C GLU C 221 -0.42 -13.75 28.96
N GLU C 222 -1.02 -13.33 27.84
CA GLU C 222 -0.34 -13.25 26.56
C GLU C 222 0.64 -12.08 26.56
N LEU C 223 1.85 -12.28 26.06
CA LEU C 223 2.85 -11.22 26.03
C LEU C 223 3.07 -10.68 24.62
N THR C 224 2.04 -10.76 23.78
CA THR C 224 2.12 -10.24 22.43
C THR C 224 2.58 -8.78 22.41
N GLN C 225 2.09 -7.97 23.34
CA GLN C 225 2.44 -6.55 23.35
C GLN C 225 3.87 -6.29 23.77
N GLU C 226 4.65 -7.32 24.08
CA GLU C 226 6.05 -7.11 24.47
C GLU C 226 7.00 -8.02 23.73
N MET C 227 6.56 -8.67 22.65
CA MET C 227 7.37 -9.67 22.00
C MET C 227 7.87 -9.19 20.64
N GLU C 228 8.97 -9.79 20.22
CA GLU C 228 9.44 -9.61 18.87
C GLU C 228 9.08 -10.85 18.09
N LEU C 229 8.72 -10.65 16.82
CA LEU C 229 8.15 -11.72 16.00
C LEU C 229 8.57 -11.46 14.57
N VAL C 230 9.38 -12.37 13.98
CA VAL C 230 9.84 -12.20 12.61
C VAL C 230 8.79 -12.72 11.63
N GLU C 231 8.80 -12.15 10.43
CA GLU C 231 8.02 -12.68 9.32
C GLU C 231 8.40 -14.13 9.05
N THR C 232 7.38 -14.97 8.87
CA THR C 232 7.61 -16.35 8.47
C THR C 232 8.47 -16.37 7.21
N ARG C 233 9.45 -17.27 7.18
CA ARG C 233 10.45 -17.24 6.13
C ARG C 233 10.69 -18.65 5.61
N PRO C 234 11.01 -18.80 4.32
CA PRO C 234 11.27 -20.15 3.80
C PRO C 234 12.60 -20.68 4.28
N ALA C 235 12.61 -21.95 4.70
CA ALA C 235 13.88 -22.56 5.06
C ALA C 235 14.70 -22.92 3.83
N GLY C 236 14.05 -23.05 2.66
CA GLY C 236 14.72 -23.35 1.41
C GLY C 236 14.61 -24.79 0.95
N ASP C 237 14.17 -25.69 1.84
CA ASP C 237 13.92 -27.08 1.53
C ASP C 237 12.43 -27.37 1.37
N GLY C 238 11.60 -26.34 1.22
CA GLY C 238 10.17 -26.48 1.20
C GLY C 238 9.49 -26.24 2.54
N THR C 239 10.24 -26.19 3.65
CA THR C 239 9.65 -25.85 4.94
C THR C 239 9.80 -24.36 5.24
N PHE C 240 9.20 -23.94 6.35
CA PHE C 240 9.20 -22.55 6.77
C PHE C 240 9.69 -22.46 8.21
N GLN C 241 10.16 -21.27 8.58
CA GLN C 241 10.60 -21.00 9.94
C GLN C 241 9.93 -19.75 10.46
N LYS C 242 9.90 -19.62 11.78
CA LYS C 242 9.45 -18.42 12.46
C LYS C 242 10.02 -18.43 13.87
N TRP C 243 10.21 -17.26 14.46
CA TRP C 243 10.56 -17.21 15.88
C TRP C 243 9.92 -15.99 16.51
N ALA C 244 9.77 -16.06 17.84
CA ALA C 244 9.22 -15.00 18.67
C ALA C 244 10.00 -14.92 19.97
N SER C 245 10.29 -13.70 20.43
CA SER C 245 11.15 -13.56 21.59
C SER C 245 10.58 -12.53 22.55
N VAL C 246 10.94 -12.69 23.82
CA VAL C 246 10.60 -11.75 24.88
C VAL C 246 11.84 -11.53 25.73
N VAL C 247 11.87 -10.39 26.41
CA VAL C 247 12.93 -10.05 27.34
C VAL C 247 12.42 -10.30 28.75
N VAL C 248 13.11 -11.14 29.51
CA VAL C 248 12.59 -11.59 30.80
C VAL C 248 13.67 -11.43 31.87
N PRO C 249 13.26 -11.31 33.13
CA PRO C 249 14.24 -11.21 34.23
C PRO C 249 15.05 -12.50 34.41
N LEU C 250 16.37 -12.31 34.56
CA LEU C 250 17.24 -13.38 35.01
C LEU C 250 16.67 -14.04 36.27
N GLY C 251 16.41 -15.34 36.20
CA GLY C 251 15.85 -16.06 37.34
C GLY C 251 14.36 -16.26 37.29
N LYS C 252 13.66 -15.55 36.40
CA LYS C 252 12.22 -15.71 36.24
C LYS C 252 11.86 -16.35 34.90
N GLU C 253 12.85 -16.95 34.22
CA GLU C 253 12.59 -17.55 32.91
C GLU C 253 11.54 -18.65 32.99
N GLN C 254 11.41 -19.33 34.12
CA GLN C 254 10.46 -20.42 34.23
C GLN C 254 9.00 -19.96 34.24
N LYS C 255 8.73 -18.67 34.43
CA LYS C 255 7.36 -18.18 34.39
C LYS C 255 6.80 -18.06 32.98
N TYR C 256 7.63 -18.15 31.95
CA TYR C 256 7.28 -17.78 30.58
C TYR C 256 7.09 -19.02 29.73
N THR C 257 6.01 -19.04 28.96
CA THR C 257 5.67 -20.20 28.15
C THR C 257 5.51 -19.78 26.69
N CYS C 258 6.11 -20.54 25.79
CA CYS C 258 5.87 -20.36 24.37
C CYS C 258 4.76 -21.30 23.90
N HIS C 259 3.88 -20.78 23.06
CA HIS C 259 2.78 -21.58 22.50
C HIS C 259 2.88 -21.56 20.98
N VAL C 260 2.85 -22.75 20.37
CA VAL C 260 2.95 -22.88 18.92
C VAL C 260 1.68 -23.55 18.42
N GLU C 261 0.96 -22.86 17.54
CA GLU C 261 -0.24 -23.41 16.93
C GLU C 261 0.01 -23.61 15.43
N HIS C 262 -0.26 -24.82 14.95
CA HIS C 262 -0.06 -25.14 13.56
C HIS C 262 -1.00 -26.28 13.20
N GLU C 263 -1.47 -26.25 11.94
CA GLU C 263 -2.44 -27.25 11.50
C GLU C 263 -1.83 -28.66 11.54
N GLY C 264 -0.52 -28.77 11.40
CA GLY C 264 0.13 -30.06 11.53
C GLY C 264 0.29 -30.59 12.94
N LEU C 265 -0.12 -29.82 13.95
CA LEU C 265 -0.08 -30.28 15.32
C LEU C 265 -1.46 -30.71 15.75
N PRO C 266 -1.59 -31.80 16.52
CA PRO C 266 -2.93 -32.23 16.95
C PRO C 266 -3.48 -31.39 18.08
N GLU C 267 -2.61 -30.73 18.85
CA GLU C 267 -2.84 -29.86 20.00
C GLU C 267 -1.70 -28.87 20.00
N PRO C 268 -1.93 -27.61 20.35
CA PRO C 268 -0.83 -26.64 20.35
C PRO C 268 0.31 -27.06 21.27
N LEU C 269 1.53 -26.73 20.84
CA LEU C 269 2.72 -27.04 21.62
C LEU C 269 2.89 -26.02 22.72
N THR C 270 3.44 -26.48 23.83
CA THR C 270 3.74 -25.61 24.96
C THR C 270 5.12 -25.98 25.44
N LEU C 271 6.05 -25.04 25.36
CA LEU C 271 7.43 -25.30 25.76
C LEU C 271 7.99 -24.12 26.55
N ARG C 272 8.99 -24.43 27.36
CA ARG C 272 9.65 -23.49 28.25
C ARG C 272 11.16 -23.62 28.15
N TRP C 273 11.87 -22.59 28.64
CA TRP C 273 13.31 -22.68 28.75
C TRP C 273 13.71 -23.83 29.66
N GLY C 274 12.89 -24.14 30.66
CA GLY C 274 13.12 -25.28 31.53
C GLY C 274 12.65 -26.58 30.89
N MET D 1 2.14 4.17 -9.68
CA MET D 1 3.53 3.75 -9.59
C MET D 1 4.05 3.97 -8.19
N ILE D 2 4.53 2.89 -7.58
CA ILE D 2 5.03 2.93 -6.22
C ILE D 2 6.29 2.09 -6.18
N GLN D 3 7.23 2.48 -5.33
CA GLN D 3 8.41 1.68 -5.08
C GLN D 3 8.48 1.31 -3.61
N ARG D 4 8.82 0.06 -3.31
CA ARG D 4 8.87 -0.42 -1.93
C ARG D 4 10.26 -0.94 -1.63
N THR D 5 10.76 -0.58 -0.49
CA THR D 5 12.09 -0.97 -0.02
C THR D 5 12.06 -2.42 0.46
N PRO D 6 13.11 -3.18 0.15
CA PRO D 6 13.10 -4.61 0.52
C PRO D 6 13.27 -4.81 2.02
N LYS D 7 12.60 -5.81 2.54
CA LYS D 7 12.93 -6.39 3.83
C LYS D 7 13.95 -7.50 3.62
N ILE D 8 14.85 -7.65 4.60
CA ILE D 8 15.95 -8.61 4.51
C ILE D 8 16.00 -9.43 5.79
N GLN D 9 16.03 -10.75 5.65
CA GLN D 9 16.35 -11.64 6.77
C GLN D 9 17.49 -12.53 6.33
N VAL D 10 18.53 -12.58 7.16
CA VAL D 10 19.67 -13.47 6.96
C VAL D 10 19.65 -14.50 8.08
N TYR D 11 19.76 -15.78 7.72
CA TYR D 11 19.55 -16.84 8.68
C TYR D 11 20.04 -18.15 8.07
N SER D 12 20.21 -19.15 8.94
CA SER D 12 20.62 -20.46 8.48
C SER D 12 19.41 -21.37 8.35
N ARG D 13 19.49 -22.35 7.44
CA ARG D 13 18.35 -23.23 7.23
C ARG D 13 18.09 -24.09 8.47
N HIS D 14 19.16 -24.57 9.12
CA HIS D 14 19.12 -25.32 10.36
C HIS D 14 19.85 -24.56 11.46
N PRO D 15 19.60 -24.89 12.72
CA PRO D 15 20.37 -24.26 13.80
C PRO D 15 21.86 -24.41 13.56
N ALA D 16 22.56 -23.28 13.60
CA ALA D 16 23.97 -23.29 13.28
C ALA D 16 24.76 -24.08 14.33
N GLU D 17 25.71 -24.88 13.86
CA GLU D 17 26.70 -25.56 14.68
C GLU D 17 28.05 -25.42 13.99
N ASN D 18 29.06 -24.99 14.73
CA ASN D 18 30.39 -24.82 14.16
C ASN D 18 30.92 -26.12 13.60
N GLY D 19 31.30 -26.11 12.32
CA GLY D 19 31.81 -27.31 11.68
C GLY D 19 30.79 -28.23 11.07
N LYS D 20 29.51 -27.87 11.08
CA LYS D 20 28.45 -28.70 10.55
C LYS D 20 27.85 -28.02 9.33
N SER D 21 27.77 -28.75 8.23
CA SER D 21 27.33 -28.19 6.96
C SER D 21 25.88 -27.70 7.08
N ASN D 22 25.59 -26.55 6.47
CA ASN D 22 24.31 -25.89 6.63
C ASN D 22 24.00 -25.12 5.35
N PHE D 23 22.93 -24.32 5.38
CA PHE D 23 22.58 -23.42 4.29
C PHE D 23 22.44 -22.00 4.84
N LEU D 24 23.12 -21.06 4.19
CA LEU D 24 23.03 -19.65 4.52
C LEU D 24 21.95 -19.02 3.64
N ASN D 25 20.96 -18.40 4.27
CA ASN D 25 19.77 -17.92 3.58
C ASN D 25 19.70 -16.40 3.65
N CYS D 26 19.36 -15.76 2.53
CA CYS D 26 19.01 -14.34 2.52
C CYS D 26 17.62 -14.22 1.91
N TYR D 27 16.65 -13.90 2.74
CA TYR D 27 15.25 -13.77 2.31
C TYR D 27 14.97 -12.30 2.09
N VAL D 28 14.63 -11.94 0.86
CA VAL D 28 14.39 -10.57 0.47
C VAL D 28 12.94 -10.47 -0.01
N SER D 29 12.18 -9.53 0.58
CA SER D 29 10.74 -9.48 0.33
C SER D 29 10.22 -8.06 0.49
N GLY D 30 8.95 -7.89 0.14
CA GLY D 30 8.29 -6.61 0.25
C GLY D 30 8.80 -5.52 -0.68
N PHE D 31 9.53 -5.87 -1.75
CA PHE D 31 10.13 -4.83 -2.58
C PHE D 31 9.40 -4.70 -3.92
N HIS D 32 9.53 -3.52 -4.54
CA HIS D 32 9.00 -3.17 -5.87
C HIS D 32 9.79 -1.96 -6.42
N PRO D 33 10.26 -1.99 -7.68
CA PRO D 33 10.06 -3.04 -8.68
C PRO D 33 10.96 -4.26 -8.44
N SER D 34 10.93 -5.22 -9.36
CA SER D 34 11.52 -6.53 -9.09
C SER D 34 13.02 -6.59 -9.32
N ASP D 35 13.60 -5.65 -10.07
CA ASP D 35 15.04 -5.66 -10.29
C ASP D 35 15.75 -5.44 -8.96
N ILE D 36 16.58 -6.41 -8.56
CA ILE D 36 17.25 -6.37 -7.28
C ILE D 36 18.55 -7.14 -7.40
N GLU D 37 19.57 -6.69 -6.65
CA GLU D 37 20.87 -7.33 -6.59
C GLU D 37 21.14 -7.80 -5.17
N VAL D 38 21.43 -9.09 -5.01
CA VAL D 38 21.65 -9.71 -3.71
C VAL D 38 22.94 -10.52 -3.77
N ASP D 39 23.87 -10.24 -2.86
CA ASP D 39 25.10 -11.00 -2.73
C ASP D 39 25.25 -11.53 -1.30
N LEU D 40 25.78 -12.75 -1.18
CA LEU D 40 26.18 -13.31 0.11
C LEU D 40 27.68 -13.14 0.29
N LEU D 41 28.09 -12.76 1.49
CA LEU D 41 29.48 -12.40 1.76
C LEU D 41 30.03 -13.27 2.86
N LYS D 42 31.25 -13.77 2.65
CA LYS D 42 32.04 -14.47 3.65
C LYS D 42 33.23 -13.58 4.00
N ASN D 43 33.27 -13.11 5.24
CA ASN D 43 34.27 -12.14 5.68
C ASN D 43 34.37 -10.98 4.71
N GLY D 44 33.22 -10.49 4.26
CA GLY D 44 33.20 -9.31 3.43
C GLY D 44 33.40 -9.53 1.95
N GLU D 45 33.71 -10.74 1.53
CA GLU D 45 33.93 -11.01 0.12
C GLU D 45 32.80 -11.88 -0.45
N ARG D 46 32.52 -11.68 -1.73
CA ARG D 46 31.36 -12.28 -2.38
C ARG D 46 31.50 -13.78 -2.51
N ILE D 47 30.47 -14.48 -2.13
CA ILE D 47 30.40 -15.92 -2.35
C ILE D 47 29.93 -16.17 -3.77
N GLU D 48 30.59 -17.13 -4.44
CA GLU D 48 30.44 -17.32 -5.87
C GLU D 48 29.23 -18.18 -6.20
N LYS D 49 29.07 -19.31 -5.51
CA LYS D 49 28.01 -20.25 -5.84
C LYS D 49 26.80 -19.93 -4.96
N VAL D 50 26.08 -18.90 -5.38
CA VAL D 50 24.86 -18.49 -4.70
C VAL D 50 23.70 -18.67 -5.66
N GLU D 51 22.71 -19.44 -5.25
CA GLU D 51 21.49 -19.61 -6.05
C GLU D 51 20.34 -18.82 -5.44
N HIS D 52 19.21 -18.83 -6.16
CA HIS D 52 18.03 -18.16 -5.66
C HIS D 52 16.77 -18.83 -6.18
N SER D 53 15.71 -18.75 -5.38
CA SER D 53 14.40 -19.22 -5.80
C SER D 53 13.84 -18.36 -6.93
N ASP D 54 12.82 -18.88 -7.60
CA ASP D 54 12.19 -18.12 -8.67
C ASP D 54 11.48 -16.90 -8.10
N LEU D 55 11.58 -15.79 -8.82
CA LEU D 55 10.87 -14.58 -8.43
C LEU D 55 9.38 -14.86 -8.31
N SER D 56 8.76 -14.40 -7.23
CA SER D 56 7.32 -14.47 -7.05
C SER D 56 6.87 -13.22 -6.32
N PHE D 57 5.56 -13.11 -6.05
CA PHE D 57 5.08 -11.92 -5.36
C PHE D 57 3.86 -12.28 -4.51
N SER D 58 3.52 -11.39 -3.59
CA SER D 58 2.47 -11.71 -2.63
C SER D 58 1.22 -10.87 -2.91
N LYS D 59 0.26 -10.97 -1.99
CA LYS D 59 -1.05 -10.34 -2.16
C LYS D 59 -0.92 -8.88 -2.54
N ASP D 60 -0.09 -8.14 -1.82
CA ASP D 60 0.04 -6.72 -2.06
C ASP D 60 0.89 -6.39 -3.29
N TRP D 61 1.22 -7.38 -4.13
CA TRP D 61 1.97 -7.28 -5.37
C TRP D 61 3.47 -7.11 -5.16
N SER D 62 3.96 -7.11 -3.91
CA SER D 62 5.38 -6.93 -3.66
C SER D 62 6.12 -8.26 -3.85
N PHE D 63 7.34 -8.18 -4.35
CA PHE D 63 8.09 -9.34 -4.80
C PHE D 63 8.87 -9.97 -3.65
N TYR D 64 9.23 -11.24 -3.83
CA TYR D 64 10.10 -11.88 -2.85
C TYR D 64 10.92 -12.98 -3.50
N LEU D 65 12.07 -13.24 -2.89
CA LEU D 65 13.06 -14.18 -3.40
C LEU D 65 13.91 -14.67 -2.23
N LEU D 66 14.32 -15.92 -2.31
CA LEU D 66 15.26 -16.49 -1.36
C LEU D 66 16.58 -16.72 -2.09
N TYR D 67 17.65 -16.07 -1.63
CA TYR D 67 19.00 -16.36 -2.07
C TYR D 67 19.67 -17.26 -1.04
N TYR D 68 20.46 -18.21 -1.52
CA TYR D 68 21.00 -19.19 -0.59
C TYR D 68 22.26 -19.80 -1.12
N THR D 69 23.11 -20.24 -0.19
CA THR D 69 24.30 -21.00 -0.52
C THR D 69 24.57 -22.00 0.60
N GLU D 70 25.31 -23.03 0.24
CA GLU D 70 25.77 -24.01 1.20
C GLU D 70 27.00 -23.46 1.88
N PHE D 71 27.07 -23.64 3.20
CA PHE D 71 28.20 -23.09 3.95
C PHE D 71 28.40 -23.90 5.22
N THR D 72 29.56 -23.73 5.83
CA THR D 72 29.91 -24.40 7.08
C THR D 72 30.37 -23.36 8.08
N PRO D 73 29.53 -22.99 9.02
CA PRO D 73 29.90 -21.91 9.94
C PRO D 73 30.99 -22.33 10.91
N THR D 74 31.83 -21.35 11.26
CA THR D 74 32.86 -21.52 12.26
C THR D 74 32.75 -20.39 13.28
N GLU D 75 33.68 -20.39 14.23
CA GLU D 75 33.68 -19.35 15.25
C GLU D 75 34.10 -18.02 14.64
N LYS D 76 35.04 -18.05 13.70
CA LYS D 76 35.70 -16.85 13.17
C LYS D 76 35.05 -16.28 11.92
N ASP D 77 34.46 -17.12 11.08
CA ASP D 77 33.90 -16.65 9.81
C ASP D 77 32.70 -15.74 10.02
N GLU D 78 32.75 -14.55 9.42
CA GLU D 78 31.61 -13.65 9.38
C GLU D 78 30.87 -13.80 8.06
N TYR D 79 29.54 -13.85 8.12
CA TYR D 79 28.73 -13.88 6.92
C TYR D 79 27.73 -12.73 6.90
N ALA D 80 27.35 -12.31 5.71
CA ALA D 80 26.39 -11.22 5.57
C ALA D 80 25.71 -11.32 4.23
N CYS D 81 24.62 -10.57 4.10
CA CYS D 81 23.89 -10.43 2.85
C CYS D 81 23.91 -8.96 2.45
N ARG D 82 24.21 -8.70 1.18
CA ARG D 82 24.29 -7.35 0.65
C ARG D 82 23.24 -7.20 -0.43
N VAL D 83 22.35 -6.22 -0.25
CA VAL D 83 21.22 -6.00 -1.14
C VAL D 83 21.35 -4.61 -1.74
N ASN D 84 21.13 -4.51 -3.04
CA ASN D 84 21.01 -3.24 -3.71
C ASN D 84 19.67 -3.21 -4.44
N HIS D 85 19.04 -2.05 -4.44
CA HIS D 85 17.69 -1.85 -4.97
C HIS D 85 17.51 -0.36 -5.19
N VAL D 86 16.66 -0.01 -6.15
CA VAL D 86 16.49 1.40 -6.51
C VAL D 86 16.01 2.21 -5.31
N THR D 87 15.33 1.59 -4.36
CA THR D 87 14.86 2.34 -3.19
C THR D 87 15.96 2.61 -2.17
N LEU D 88 17.16 2.07 -2.33
CA LEU D 88 18.22 2.20 -1.35
C LEU D 88 19.25 3.22 -1.81
N SER D 89 19.69 4.10 -0.91
CA SER D 89 20.77 5.03 -1.24
C SER D 89 22.08 4.27 -1.41
N GLN D 90 22.33 3.30 -0.53
CA GLN D 90 23.54 2.50 -0.51
C GLN D 90 23.10 1.06 -0.56
N PRO D 91 23.95 0.16 -1.03
CA PRO D 91 23.74 -1.26 -0.71
C PRO D 91 23.55 -1.44 0.80
N LYS D 92 22.63 -2.34 1.16
CA LYS D 92 22.35 -2.63 2.56
C LYS D 92 23.02 -3.95 2.92
N ILE D 93 23.81 -3.92 3.99
CA ILE D 93 24.54 -5.09 4.48
C ILE D 93 23.85 -5.56 5.74
N VAL D 94 23.31 -6.77 5.71
CA VAL D 94 22.74 -7.37 6.90
C VAL D 94 23.64 -8.51 7.31
N LYS D 95 24.11 -8.49 8.55
CA LYS D 95 25.07 -9.47 9.02
C LYS D 95 24.32 -10.68 9.58
N TRP D 96 24.91 -11.86 9.40
CA TRP D 96 24.30 -13.07 9.91
C TRP D 96 24.53 -13.14 11.42
N ASP D 97 23.45 -13.27 12.19
CA ASP D 97 23.53 -13.52 13.61
C ASP D 97 22.94 -14.90 13.86
N ARG D 98 23.75 -15.79 14.43
CA ARG D 98 23.36 -17.19 14.39
C ARG D 98 22.18 -17.51 15.32
N ASP D 99 21.81 -16.61 16.23
CA ASP D 99 20.63 -16.82 17.06
C ASP D 99 19.44 -16.01 16.55
N MET D 100 19.41 -15.70 15.26
CA MET D 100 18.33 -14.91 14.67
C MET D 100 18.00 -15.42 13.26
N ARG E 1 -3.28 -26.20 -14.61
CA ARG E 1 -2.90 -25.43 -15.78
C ARG E 1 -3.28 -23.98 -15.57
N GLY E 2 -2.50 -23.07 -16.17
CA GLY E 2 -2.64 -21.66 -15.91
C GLY E 2 -3.69 -20.99 -16.77
N PRO E 3 -3.92 -19.71 -16.51
CA PRO E 3 -4.92 -18.97 -17.27
C PRO E 3 -4.35 -18.43 -18.57
N GLY E 4 -5.22 -18.35 -19.58
CA GLY E 4 -4.87 -17.74 -20.85
C GLY E 4 -5.48 -16.40 -20.96
N ARG E 5 -4.68 -15.40 -21.38
CA ARG E 5 -5.23 -14.09 -21.64
C ARG E 5 -6.16 -14.10 -22.85
N ALA E 6 -5.99 -15.05 -23.76
CA ALA E 6 -6.86 -15.23 -24.92
C ALA E 6 -6.88 -13.98 -25.78
N PHE E 7 -5.75 -13.28 -25.83
CA PHE E 7 -5.58 -12.05 -26.62
C PHE E 7 -6.68 -11.04 -26.32
N VAL E 8 -7.16 -11.06 -25.08
CA VAL E 8 -8.03 -10.02 -24.55
C VAL E 8 -7.12 -9.06 -23.80
N THR E 9 -6.63 -8.06 -24.52
CA THR E 9 -5.64 -7.15 -24.00
C THR E 9 -6.33 -6.02 -23.24
N ILE E 10 -5.57 -5.39 -22.32
CA ILE E 10 -6.14 -4.36 -21.45
C ILE E 10 -6.55 -3.14 -22.28
N ARG F 1 -8.56 20.14 21.08
CA ARG F 1 -7.11 20.21 21.25
C ARG F 1 -6.42 18.91 20.88
N GLY F 2 -5.20 19.05 20.37
CA GLY F 2 -4.49 17.92 19.81
C GLY F 2 -3.81 17.08 20.85
N PRO F 3 -3.22 15.99 20.40
CA PRO F 3 -2.52 15.08 21.32
C PRO F 3 -1.09 15.50 21.56
N GLY F 4 -0.61 15.17 22.76
CA GLY F 4 0.77 15.39 23.13
C GLY F 4 1.54 14.07 23.09
N ARG F 5 2.73 14.12 22.51
CA ARG F 5 3.65 12.98 22.63
C ARG F 5 4.21 12.86 24.04
N ALA F 6 4.27 13.95 24.81
CA ALA F 6 4.68 13.93 26.23
C ALA F 6 6.04 13.27 26.43
N PHE F 7 6.93 13.43 25.45
CA PHE F 7 8.23 12.77 25.44
C PHE F 7 8.09 11.25 25.58
N VAL F 8 7.02 10.69 25.02
CA VAL F 8 6.89 9.24 24.85
C VAL F 8 7.41 8.95 23.45
N THR F 9 8.72 8.78 23.35
CA THR F 9 9.39 8.66 22.06
C THR F 9 9.47 7.20 21.61
N ILE F 10 9.57 7.01 20.28
CA ILE F 10 9.57 5.67 19.67
C ILE F 10 10.83 4.93 20.07
#